data_6G3O
#
_entry.id   6G3O
#
_cell.length_a   92.050
_cell.length_b   93.300
_cell.length_c   139.420
_cell.angle_alpha   90.00
_cell.angle_beta   90.00
_cell.angle_gamma   90.00
#
_symmetry.space_group_name_H-M   'P 21 21 21'
#
loop_
_entity.id
_entity.type
_entity.pdbx_description
1 polymer 'Histone deacetylase 2'
2 non-polymer 'ZINC ION'
3 non-polymer 'CALCIUM ION'
4 non-polymer 'SODIUM ION'
5 non-polymer (6~{R})-6-[[3,4-bis(oxidanylidene)-2-[[4-(trifluoromethyloxy)phenyl]amino]cyclobuten-1-yl]amino]-~{N}-oxidanyl-heptanamide
6 non-polymer 'PENTAETHYLENE GLYCOL'
7 non-polymer 'SULFATE ION'
8 non-polymer 'TETRAETHYLENE GLYCOL'
9 water water
#
_entity_poly.entity_id   1
_entity_poly.type   'polypeptide(L)'
_entity_poly.pdbx_seq_one_letter_code
;GGKKKVCYYYDGDIGNYYYGQGHPMKPHRIRMTHNLLLNYGLYRKMEIYRPHKATAEEMTKYHSDEYIKFLRSIRPDNMS
EYSKQMQRFNVGEDCPVFDGLFEFCQLSTGGSVAGAVKLNRQQTDMAVNWAGGLHHAKKSEASGFCYVNDIVLAILELLK
YHQRVLYIDIDIHHGDGVEEAFYTTDRVMTVSFHKYGEYFPGTGDLRDIGAGKGKYYAVNFPMRDGIDDESYGQIFKPII
SKVMEMYQPSAVVLQCGADSLSGDRLGCFNLTVKGHAKCVEVVKTFNLPLLMLGGGGYTIRNVARCWTYETAVALDCEIP
NELPYNDYFEYFGPDFKLHISPSNMTNQNTPEYMEKIKQRLFENLRMLPH
;
_entity_poly.pdbx_strand_id   A,B,C
#
# COMPACT_ATOMS: atom_id res chain seq x y z
N GLY A 1 -2.60 -16.63 -34.00
CA GLY A 1 -3.83 -16.82 -33.24
C GLY A 1 -4.45 -18.19 -33.39
N GLY A 2 -5.77 -18.25 -33.19
CA GLY A 2 -6.58 -19.47 -33.31
C GLY A 2 -6.18 -20.61 -32.39
N LYS A 3 -6.54 -21.84 -32.81
CA LYS A 3 -6.26 -23.09 -32.07
C LYS A 3 -4.83 -23.57 -32.33
N LYS A 4 -4.25 -24.24 -31.33
CA LYS A 4 -2.84 -24.67 -31.34
C LYS A 4 -2.65 -26.17 -31.09
N LYS A 5 -1.46 -26.71 -31.47
CA LYS A 5 -1.12 -28.11 -31.23
C LYS A 5 -0.74 -28.30 -29.74
N VAL A 6 -1.39 -29.30 -29.10
CA VAL A 6 -1.21 -29.59 -27.69
C VAL A 6 -0.82 -31.06 -27.54
N CYS A 7 0.30 -31.29 -26.83
CA CYS A 7 0.84 -32.60 -26.50
C CYS A 7 0.70 -32.79 -25.01
N TYR A 8 0.00 -33.83 -24.60
CA TYR A 8 -0.30 -34.11 -23.20
C TYR A 8 0.42 -35.42 -22.74
N TYR A 9 1.06 -35.38 -21.55
CA TYR A 9 1.80 -36.50 -20.99
C TYR A 9 1.10 -37.12 -19.82
N TYR A 10 0.95 -38.43 -19.86
CA TYR A 10 0.29 -39.17 -18.78
C TYR A 10 0.76 -40.61 -18.74
N ASP A 11 1.06 -41.12 -17.54
CA ASP A 11 1.41 -42.54 -17.37
C ASP A 11 0.31 -43.19 -16.53
N GLY A 12 -0.25 -44.30 -17.04
CA GLY A 12 -1.31 -45.06 -16.37
C GLY A 12 -1.00 -45.58 -14.98
N ASP A 13 0.30 -45.61 -14.60
CA ASP A 13 0.72 -46.09 -13.28
C ASP A 13 0.78 -44.98 -12.23
N ILE A 14 0.87 -43.71 -12.65
CA ILE A 14 1.04 -42.54 -11.78
C ILE A 14 0.04 -42.51 -10.60
N GLY A 15 -1.20 -42.88 -10.83
CA GLY A 15 -2.24 -42.86 -9.80
C GLY A 15 -2.12 -43.94 -8.74
N ASN A 16 -1.19 -44.89 -8.91
CA ASN A 16 -0.97 -45.99 -7.96
C ASN A 16 0.06 -45.67 -6.87
N TYR A 17 0.81 -44.57 -7.02
CA TYR A 17 1.80 -44.16 -6.03
C TYR A 17 1.08 -43.53 -4.85
N TYR A 18 1.37 -44.02 -3.64
CA TYR A 18 0.71 -43.63 -2.39
C TYR A 18 1.71 -43.11 -1.40
N TYR A 19 1.54 -41.85 -0.96
CA TYR A 19 2.39 -41.18 0.02
C TYR A 19 2.20 -41.71 1.45
N GLY A 20 1.12 -42.44 1.69
CA GLY A 20 0.81 -42.97 3.02
C GLY A 20 -0.50 -42.44 3.58
N GLN A 21 -1.07 -43.17 4.53
CA GLN A 21 -2.32 -42.88 5.23
C GLN A 21 -2.30 -41.51 5.88
N GLY A 22 -3.28 -40.69 5.52
CA GLY A 22 -3.44 -39.35 6.03
C GLY A 22 -2.64 -38.27 5.31
N HIS A 23 -1.64 -38.66 4.46
CA HIS A 23 -0.83 -37.68 3.73
C HIS A 23 -1.69 -36.93 2.68
N PRO A 24 -1.65 -35.58 2.67
CA PRO A 24 -2.51 -34.82 1.72
C PRO A 24 -2.18 -34.96 0.22
N MET A 25 -0.90 -35.23 -0.12
CA MET A 25 -0.47 -35.40 -1.52
C MET A 25 -0.97 -36.74 -2.06
N LYS A 26 -1.90 -36.68 -3.01
CA LYS A 26 -2.54 -37.86 -3.58
C LYS A 26 -2.35 -37.98 -5.10
N PRO A 27 -1.32 -38.75 -5.58
CA PRO A 27 -1.11 -38.91 -7.04
C PRO A 27 -2.31 -39.41 -7.87
N HIS A 28 -3.30 -40.03 -7.22
CA HIS A 28 -4.56 -40.49 -7.78
C HIS A 28 -5.34 -39.35 -8.47
N ARG A 29 -5.18 -38.09 -7.98
CA ARG A 29 -5.79 -36.88 -8.53
C ARG A 29 -5.40 -36.68 -10.00
N ILE A 30 -4.18 -37.16 -10.39
CA ILE A 30 -3.64 -37.08 -11.76
C ILE A 30 -4.48 -37.99 -12.67
N ARG A 31 -4.88 -39.21 -12.16
CA ARG A 31 -5.71 -40.22 -12.80
C ARG A 31 -7.15 -39.71 -12.91
N MET A 32 -7.66 -39.07 -11.83
CA MET A 32 -8.98 -38.44 -11.80
C MET A 32 -9.08 -37.36 -12.89
N THR A 33 -8.00 -36.56 -13.05
CA THR A 33 -7.93 -35.53 -14.09
C THR A 33 -8.02 -36.17 -15.46
N HIS A 34 -7.13 -37.15 -15.71
CA HIS A 34 -7.04 -37.87 -16.96
C HIS A 34 -8.38 -38.51 -17.35
N ASN A 35 -9.03 -39.22 -16.40
CA ASN A 35 -10.31 -39.87 -16.62
C ASN A 35 -11.41 -38.87 -16.93
N LEU A 36 -11.43 -37.75 -16.23
CA LEU A 36 -12.41 -36.69 -16.42
C LEU A 36 -12.28 -36.02 -17.81
N LEU A 37 -11.03 -35.74 -18.25
CA LEU A 37 -10.87 -35.11 -19.56
C LEU A 37 -11.03 -36.10 -20.72
N LEU A 38 -10.83 -37.43 -20.50
CA LEU A 38 -11.10 -38.43 -21.52
C LEU A 38 -12.62 -38.48 -21.72
N ASN A 39 -13.38 -38.43 -20.60
CA ASN A 39 -14.85 -38.50 -20.64
C ASN A 39 -15.50 -37.25 -21.23
N TYR A 40 -14.78 -36.11 -21.27
CA TYR A 40 -15.23 -34.89 -21.95
C TYR A 40 -14.91 -35.01 -23.46
N GLY A 41 -14.10 -36.01 -23.82
CA GLY A 41 -13.70 -36.31 -25.19
C GLY A 41 -12.56 -35.46 -25.70
N LEU A 42 -11.80 -34.84 -24.77
CA LEU A 42 -10.68 -33.96 -25.10
C LEU A 42 -9.49 -34.67 -25.75
N TYR A 43 -9.42 -36.02 -25.64
CA TYR A 43 -8.40 -36.84 -26.29
C TYR A 43 -8.48 -36.73 -27.83
N ARG A 44 -9.67 -36.37 -28.37
CA ARG A 44 -9.89 -36.22 -29.81
C ARG A 44 -9.13 -35.03 -30.36
N LYS A 45 -8.95 -33.98 -29.53
CA LYS A 45 -8.32 -32.73 -29.91
C LYS A 45 -6.82 -32.64 -29.58
N MET A 46 -6.27 -33.62 -28.86
CA MET A 46 -4.86 -33.55 -28.48
C MET A 46 -4.11 -34.85 -28.65
N GLU A 47 -2.76 -34.76 -28.70
CA GLU A 47 -1.89 -35.92 -28.78
C GLU A 47 -1.52 -36.34 -27.36
N ILE A 48 -1.81 -37.59 -27.02
CA ILE A 48 -1.54 -38.16 -25.71
C ILE A 48 -0.31 -39.03 -25.77
N TYR A 49 0.71 -38.69 -24.97
CA TYR A 49 1.93 -39.48 -24.91
C TYR A 49 2.13 -40.06 -23.53
N ARG A 50 2.84 -41.17 -23.48
CA ARG A 50 3.22 -41.77 -22.22
C ARG A 50 4.63 -41.19 -21.94
N PRO A 51 4.92 -40.61 -20.76
CA PRO A 51 6.27 -40.10 -20.52
C PRO A 51 7.30 -41.23 -20.41
N HIS A 52 8.55 -40.92 -20.67
CA HIS A 52 9.60 -41.89 -20.42
C HIS A 52 9.91 -41.76 -18.92
N LYS A 53 10.61 -42.74 -18.36
CA LYS A 53 11.02 -42.63 -16.98
C LYS A 53 12.36 -41.92 -17.03
N ALA A 54 12.41 -40.62 -16.57
CA ALA A 54 13.65 -39.86 -16.56
C ALA A 54 14.73 -40.61 -15.77
N THR A 55 15.98 -40.59 -16.25
CA THR A 55 17.03 -41.34 -15.59
C THR A 55 17.86 -40.49 -14.61
N ALA A 56 18.80 -41.13 -13.88
CA ALA A 56 19.75 -40.48 -12.98
C ALA A 56 20.62 -39.50 -13.78
N GLU A 57 21.03 -39.89 -15.01
CA GLU A 57 21.78 -39.07 -15.97
C GLU A 57 21.04 -37.74 -16.22
N GLU A 58 19.70 -37.80 -16.36
CA GLU A 58 18.84 -36.63 -16.56
C GLU A 58 18.70 -35.80 -15.29
N MET A 59 18.47 -36.46 -14.14
CA MET A 59 18.27 -35.79 -12.85
C MET A 59 19.51 -35.08 -12.34
N THR A 60 20.70 -35.69 -12.54
CA THR A 60 21.98 -35.13 -12.10
C THR A 60 22.42 -33.91 -12.95
N LYS A 61 21.59 -33.45 -13.92
CA LYS A 61 21.90 -32.23 -14.69
C LYS A 61 21.69 -31.03 -13.75
N TYR A 62 20.86 -31.21 -12.70
CA TYR A 62 20.64 -30.22 -11.66
C TYR A 62 20.97 -30.78 -10.27
N HIS A 63 20.35 -31.92 -9.89
CA HIS A 63 20.52 -32.53 -8.57
C HIS A 63 21.87 -33.18 -8.35
N SER A 64 22.36 -33.16 -7.09
CA SER A 64 23.63 -33.83 -6.76
C SER A 64 23.54 -35.36 -6.99
N ASP A 65 24.64 -36.00 -7.36
CA ASP A 65 24.73 -37.46 -7.56
C ASP A 65 24.34 -38.21 -6.27
N GLU A 66 24.82 -37.72 -5.12
CA GLU A 66 24.60 -38.26 -3.78
C GLU A 66 23.11 -38.27 -3.41
N TYR A 67 22.36 -37.19 -3.75
CA TYR A 67 20.94 -37.08 -3.45
C TYR A 67 20.13 -38.03 -4.32
N ILE A 68 20.45 -38.09 -5.63
CA ILE A 68 19.75 -38.94 -6.59
C ILE A 68 20.02 -40.43 -6.30
N LYS A 69 21.28 -40.80 -5.90
CA LYS A 69 21.64 -42.18 -5.54
C LYS A 69 20.83 -42.64 -4.34
N PHE A 70 20.64 -41.73 -3.37
CA PHE A 70 19.81 -41.97 -2.18
C PHE A 70 18.33 -42.24 -2.56
N LEU A 71 17.74 -41.37 -3.42
CA LEU A 71 16.35 -41.48 -3.85
C LEU A 71 16.09 -42.77 -4.58
N ARG A 72 17.08 -43.20 -5.38
CA ARG A 72 17.09 -44.42 -6.18
C ARG A 72 17.30 -45.69 -5.29
N SER A 73 17.78 -45.52 -4.03
CA SER A 73 18.07 -46.62 -3.09
C SER A 73 17.07 -46.80 -1.92
N ILE A 74 16.57 -45.68 -1.37
CA ILE A 74 15.65 -45.67 -0.21
C ILE A 74 14.34 -46.44 -0.49
N ARG A 75 13.98 -47.32 0.45
CA ARG A 75 12.76 -48.14 0.42
C ARG A 75 12.18 -48.19 1.84
N PRO A 76 10.85 -48.41 2.06
CA PRO A 76 10.34 -48.50 3.43
C PRO A 76 10.98 -49.63 4.27
N ASP A 77 11.54 -50.67 3.62
CA ASP A 77 12.20 -51.82 4.26
C ASP A 77 13.68 -51.59 4.63
N ASN A 78 14.31 -50.47 4.20
CA ASN A 78 15.72 -50.21 4.51
C ASN A 78 15.98 -48.84 5.20
N MET A 79 14.91 -48.15 5.65
CA MET A 79 14.96 -46.82 6.28
C MET A 79 15.92 -46.69 7.45
N SER A 80 16.01 -47.73 8.31
CA SER A 80 16.88 -47.78 9.50
C SER A 80 18.36 -47.65 9.14
N GLU A 81 18.76 -48.20 7.99
CA GLU A 81 20.12 -48.19 7.45
C GLU A 81 20.51 -46.84 6.81
N TYR A 82 19.49 -46.02 6.42
CA TYR A 82 19.66 -44.72 5.76
C TYR A 82 19.28 -43.51 6.65
N SER A 83 19.12 -43.74 7.98
CA SER A 83 18.71 -42.75 8.99
C SER A 83 19.35 -41.34 8.86
N LYS A 84 20.71 -41.27 8.75
CA LYS A 84 21.46 -40.03 8.58
C LYS A 84 21.12 -39.34 7.26
N GLN A 85 21.16 -40.10 6.16
CA GLN A 85 20.85 -39.68 4.78
C GLN A 85 19.43 -39.10 4.68
N MET A 86 18.44 -39.73 5.36
CA MET A 86 17.05 -39.26 5.43
C MET A 86 16.91 -37.87 6.09
N GLN A 87 17.60 -37.65 7.20
CA GLN A 87 17.50 -36.35 7.87
C GLN A 87 18.20 -35.26 7.04
N ARG A 88 19.38 -35.58 6.47
CA ARG A 88 20.16 -34.69 5.59
C ARG A 88 19.38 -34.23 4.34
N PHE A 89 18.60 -35.16 3.72
CA PHE A 89 17.85 -34.92 2.48
C PHE A 89 16.35 -34.54 2.69
N ASN A 90 15.91 -34.45 3.96
CA ASN A 90 14.55 -34.08 4.41
C ASN A 90 13.50 -35.11 3.99
N VAL A 91 13.88 -36.37 4.09
CA VAL A 91 13.01 -37.46 3.71
C VAL A 91 12.57 -38.23 4.98
N GLY A 92 11.32 -38.69 4.97
CA GLY A 92 10.75 -39.49 6.06
C GLY A 92 9.51 -38.94 6.73
N GLU A 93 9.24 -37.60 6.65
CA GLU A 93 8.06 -37.04 7.34
C GLU A 93 7.08 -36.33 6.40
N ASP A 94 7.38 -35.08 5.98
CA ASP A 94 6.60 -34.29 5.03
C ASP A 94 6.76 -34.91 3.64
N CYS A 95 7.99 -35.39 3.34
CA CYS A 95 8.36 -36.07 2.11
C CYS A 95 8.64 -37.51 2.53
N PRO A 96 7.59 -38.35 2.69
CA PRO A 96 7.82 -39.70 3.22
C PRO A 96 8.45 -40.65 2.22
N VAL A 97 8.97 -41.76 2.75
CA VAL A 97 9.48 -42.88 1.97
C VAL A 97 8.24 -43.71 1.66
N PHE A 98 8.07 -44.09 0.41
CA PHE A 98 6.96 -44.93 -0.01
C PHE A 98 7.39 -45.85 -1.16
N ASP A 99 6.67 -46.96 -1.32
CA ASP A 99 6.94 -47.92 -2.39
C ASP A 99 6.82 -47.25 -3.77
N GLY A 100 7.91 -47.32 -4.53
CA GLY A 100 8.00 -46.75 -5.87
C GLY A 100 8.27 -45.26 -5.92
N LEU A 101 8.80 -44.67 -4.83
CA LEU A 101 9.13 -43.24 -4.74
C LEU A 101 9.91 -42.75 -5.98
N PHE A 102 11.02 -43.43 -6.29
CA PHE A 102 11.91 -43.10 -7.41
C PHE A 102 11.20 -43.16 -8.76
N GLU A 103 10.32 -44.16 -8.98
CA GLU A 103 9.55 -44.36 -10.22
C GLU A 103 8.63 -43.19 -10.39
N PHE A 104 7.96 -42.83 -9.30
CA PHE A 104 7.06 -41.69 -9.25
C PHE A 104 7.81 -40.40 -9.70
N CYS A 105 9.06 -40.19 -9.20
CA CYS A 105 9.92 -39.05 -9.54
C CYS A 105 10.33 -39.09 -11.00
N GLN A 106 10.62 -40.31 -11.51
CA GLN A 106 10.96 -40.55 -12.93
C GLN A 106 9.83 -40.20 -13.88
N LEU A 107 8.59 -40.61 -13.57
CA LEU A 107 7.43 -40.33 -14.42
C LEU A 107 7.02 -38.87 -14.38
N SER A 108 7.04 -38.26 -13.17
CA SER A 108 6.76 -36.84 -12.96
C SER A 108 7.77 -35.99 -13.77
N THR A 109 9.09 -36.29 -13.63
CA THR A 109 10.16 -35.58 -14.36
C THR A 109 10.14 -35.84 -15.86
N GLY A 110 9.90 -37.11 -16.23
CA GLY A 110 9.84 -37.56 -17.63
C GLY A 110 8.90 -36.78 -18.51
N GLY A 111 7.69 -36.55 -18.02
CA GLY A 111 6.68 -35.77 -18.74
C GLY A 111 7.09 -34.33 -18.99
N SER A 112 7.77 -33.69 -17.99
CA SER A 112 8.22 -32.30 -18.09
C SER A 112 9.37 -32.13 -19.09
N VAL A 113 10.38 -32.99 -18.98
CA VAL A 113 11.54 -32.99 -19.90
C VAL A 113 11.11 -33.34 -21.33
N ALA A 114 10.19 -34.33 -21.49
CA ALA A 114 9.67 -34.74 -22.81
C ALA A 114 8.87 -33.59 -23.45
N GLY A 115 8.12 -32.86 -22.64
CA GLY A 115 7.36 -31.70 -23.07
C GLY A 115 8.28 -30.61 -23.59
N ALA A 116 9.38 -30.34 -22.85
CA ALA A 116 10.41 -29.37 -23.21
C ALA A 116 11.10 -29.77 -24.53
N VAL A 117 11.43 -31.07 -24.69
CA VAL A 117 12.03 -31.66 -25.92
C VAL A 117 11.11 -31.43 -27.11
N LYS A 118 9.79 -31.75 -26.97
CA LYS A 118 8.78 -31.54 -28.00
C LYS A 118 8.65 -30.08 -28.43
N LEU A 119 8.70 -29.13 -27.47
CA LEU A 119 8.62 -27.68 -27.71
C LEU A 119 9.89 -27.22 -28.43
N ASN A 120 11.07 -27.72 -28.01
CA ASN A 120 12.39 -27.45 -28.59
C ASN A 120 12.43 -27.91 -30.03
N ARG A 121 11.83 -29.08 -30.33
CA ARG A 121 11.74 -29.66 -31.67
C ARG A 121 10.71 -28.96 -32.57
N GLN A 122 9.91 -28.02 -32.01
CA GLN A 122 8.85 -27.25 -32.69
C GLN A 122 7.77 -28.18 -33.23
N GLN A 123 7.52 -29.26 -32.51
CA GLN A 123 6.56 -30.28 -32.89
C GLN A 123 5.22 -30.07 -32.18
N THR A 124 5.15 -29.04 -31.31
CA THR A 124 3.95 -28.68 -30.58
C THR A 124 4.02 -27.23 -30.15
N ASP A 125 2.86 -26.64 -29.86
CA ASP A 125 2.75 -25.26 -29.40
C ASP A 125 2.67 -25.22 -27.88
N MET A 126 2.05 -26.26 -27.30
CA MET A 126 1.86 -26.45 -25.88
C MET A 126 2.11 -27.90 -25.48
N ALA A 127 2.72 -28.07 -24.31
CA ALA A 127 2.94 -29.39 -23.72
C ALA A 127 2.37 -29.38 -22.32
N VAL A 128 1.64 -30.43 -21.95
CA VAL A 128 0.98 -30.54 -20.64
C VAL A 128 1.49 -31.77 -19.85
N ASN A 129 1.91 -31.54 -18.59
CA ASN A 129 2.28 -32.60 -17.66
C ASN A 129 1.70 -32.30 -16.30
N TRP A 130 0.46 -32.78 -16.02
CA TRP A 130 -0.22 -32.55 -14.72
C TRP A 130 0.50 -33.24 -13.54
N ALA A 131 1.34 -34.26 -13.80
CA ALA A 131 2.15 -34.94 -12.76
C ALA A 131 3.43 -34.16 -12.38
N GLY A 132 3.74 -33.09 -13.13
CA GLY A 132 4.89 -32.23 -12.89
C GLY A 132 4.55 -31.03 -12.02
N GLY A 133 5.44 -30.05 -11.98
CA GLY A 133 5.27 -28.80 -11.23
C GLY A 133 5.69 -28.87 -9.78
N LEU A 134 6.69 -29.69 -9.50
CA LEU A 134 7.17 -29.95 -8.15
C LEU A 134 8.30 -28.99 -7.78
N HIS A 135 7.90 -27.70 -7.70
CA HIS A 135 8.68 -26.46 -7.52
C HIS A 135 9.53 -26.33 -6.28
N HIS A 136 9.32 -27.15 -5.21
CA HIS A 136 10.08 -27.01 -3.97
C HIS A 136 11.39 -27.76 -3.91
N ALA A 137 11.51 -28.90 -4.62
CA ALA A 137 12.73 -29.72 -4.56
C ALA A 137 14.01 -28.93 -4.86
N LYS A 138 15.04 -29.16 -4.03
CA LYS A 138 16.36 -28.50 -4.09
C LYS A 138 17.45 -29.44 -4.55
N LYS A 139 18.60 -28.86 -5.00
CA LYS A 139 19.78 -29.58 -5.49
C LYS A 139 20.04 -30.88 -4.71
N SER A 140 20.05 -30.79 -3.38
CA SER A 140 20.26 -31.93 -2.50
C SER A 140 19.15 -32.10 -1.45
N GLU A 141 17.91 -31.74 -1.76
CA GLU A 141 16.90 -31.88 -0.72
C GLU A 141 15.48 -31.97 -1.23
N ALA A 142 14.65 -32.77 -0.54
CA ALA A 142 13.21 -32.85 -0.77
C ALA A 142 12.57 -31.77 0.13
N SER A 143 11.43 -31.22 -0.30
CA SER A 143 10.71 -30.23 0.49
C SER A 143 9.30 -30.19 -0.06
N GLY A 144 8.32 -29.89 0.77
CA GLY A 144 6.90 -29.76 0.42
C GLY A 144 6.33 -30.78 -0.54
N PHE A 145 6.61 -32.08 -0.30
CA PHE A 145 6.14 -33.22 -1.11
C PHE A 145 6.86 -33.34 -2.47
N CYS A 146 7.95 -32.57 -2.66
CA CYS A 146 8.71 -32.54 -3.89
C CYS A 146 10.07 -33.16 -3.70
N TYR A 147 10.43 -34.18 -4.49
CA TYR A 147 11.74 -34.83 -4.35
C TYR A 147 12.70 -34.43 -5.48
N VAL A 148 12.19 -34.42 -6.73
CA VAL A 148 12.94 -34.05 -7.94
C VAL A 148 12.30 -32.83 -8.59
N ASN A 149 13.12 -31.80 -8.84
CA ASN A 149 12.59 -30.57 -9.44
C ASN A 149 12.52 -30.71 -10.95
N ASP A 150 11.39 -31.25 -11.42
CA ASP A 150 11.11 -31.49 -12.84
C ASP A 150 11.08 -30.18 -13.65
N ILE A 151 10.71 -29.06 -13.00
CA ILE A 151 10.59 -27.74 -13.61
C ILE A 151 11.97 -27.25 -13.98
N VAL A 152 12.91 -27.29 -13.03
CA VAL A 152 14.29 -26.88 -13.27
C VAL A 152 14.89 -27.71 -14.41
N LEU A 153 14.71 -29.06 -14.35
CA LEU A 153 15.19 -29.96 -15.40
C LEU A 153 14.58 -29.66 -16.77
N ALA A 154 13.26 -29.39 -16.86
CA ALA A 154 12.60 -29.01 -18.11
C ALA A 154 13.07 -27.64 -18.60
N ILE A 155 13.28 -26.68 -17.68
CA ILE A 155 13.78 -25.34 -18.04
C ILE A 155 15.21 -25.44 -18.62
N LEU A 156 16.06 -26.30 -18.00
CA LEU A 156 17.42 -26.52 -18.47
C LEU A 156 17.41 -27.07 -19.90
N GLU A 157 16.41 -27.91 -20.24
CA GLU A 157 16.23 -28.45 -21.58
C GLU A 157 15.84 -27.34 -22.56
N LEU A 158 14.89 -26.47 -22.16
CA LEU A 158 14.45 -25.33 -22.98
C LEU A 158 15.59 -24.34 -23.25
N LEU A 159 16.52 -24.18 -22.30
CA LEU A 159 17.69 -23.28 -22.40
C LEU A 159 18.69 -23.71 -23.49
N LYS A 160 18.58 -24.96 -23.98
CA LYS A 160 19.42 -25.43 -25.07
C LYS A 160 19.08 -24.68 -26.38
N TYR A 161 17.80 -24.29 -26.54
CA TYR A 161 17.26 -23.64 -27.74
C TYR A 161 16.75 -22.22 -27.51
N HIS A 162 16.37 -21.89 -26.27
CA HIS A 162 15.80 -20.58 -25.90
C HIS A 162 16.75 -19.77 -25.03
N GLN A 163 17.10 -18.56 -25.48
CA GLN A 163 17.97 -17.66 -24.76
C GLN A 163 17.33 -17.19 -23.44
N ARG A 164 16.02 -16.91 -23.48
CA ARG A 164 15.26 -16.43 -22.32
C ARG A 164 13.99 -17.24 -22.12
N VAL A 165 13.85 -17.85 -20.94
CA VAL A 165 12.70 -18.66 -20.56
C VAL A 165 11.97 -17.96 -19.40
N LEU A 166 10.64 -17.82 -19.49
CA LEU A 166 9.86 -17.22 -18.43
C LEU A 166 9.15 -18.32 -17.63
N TYR A 167 9.29 -18.26 -16.30
CA TYR A 167 8.64 -19.19 -15.38
C TYR A 167 7.54 -18.47 -14.62
N ILE A 168 6.31 -18.98 -14.65
CA ILE A 168 5.17 -18.40 -13.91
C ILE A 168 4.60 -19.49 -12.99
N ASP A 169 4.36 -19.13 -11.74
CA ASP A 169 3.90 -20.04 -10.70
C ASP A 169 2.62 -19.51 -10.01
N ILE A 170 1.44 -20.12 -10.32
CA ILE A 170 0.16 -19.67 -9.73
C ILE A 170 -0.33 -20.59 -8.60
N ASP A 171 0.59 -21.50 -8.09
CA ASP A 171 0.38 -22.36 -6.94
C ASP A 171 0.23 -21.41 -5.73
N ILE A 172 -0.45 -21.82 -4.63
CA ILE A 172 -0.59 -20.90 -3.50
C ILE A 172 0.76 -20.69 -2.77
N HIS A 173 1.72 -21.61 -2.95
CA HIS A 173 3.02 -21.53 -2.30
C HIS A 173 4.08 -20.96 -3.25
N HIS A 174 5.09 -20.30 -2.67
CA HIS A 174 6.22 -19.74 -3.40
C HIS A 174 7.04 -20.87 -4.05
N GLY A 175 7.35 -20.71 -5.34
CA GLY A 175 8.15 -21.69 -6.07
C GLY A 175 9.62 -21.43 -5.81
N ASP A 176 10.02 -21.69 -4.56
CA ASP A 176 11.35 -21.42 -4.05
C ASP A 176 12.46 -22.23 -4.76
N GLY A 177 12.15 -23.48 -5.16
CA GLY A 177 13.11 -24.37 -5.81
C GLY A 177 13.56 -23.88 -7.16
N VAL A 178 12.60 -23.40 -7.94
CA VAL A 178 12.85 -22.86 -9.27
C VAL A 178 13.58 -21.52 -9.11
N GLU A 179 13.05 -20.65 -8.24
CA GLU A 179 13.63 -19.34 -7.98
C GLU A 179 15.11 -19.47 -7.56
N GLU A 180 15.42 -20.43 -6.63
CA GLU A 180 16.78 -20.70 -6.14
C GLU A 180 17.72 -21.13 -7.25
N ALA A 181 17.28 -22.07 -8.10
CA ALA A 181 18.10 -22.57 -9.20
C ALA A 181 18.51 -21.47 -10.19
N PHE A 182 17.63 -20.48 -10.46
CA PHE A 182 17.86 -19.44 -11.47
C PHE A 182 17.98 -18.03 -10.94
N TYR A 183 18.20 -17.90 -9.62
CA TYR A 183 18.31 -16.62 -8.93
C TYR A 183 19.38 -15.68 -9.46
N THR A 184 20.53 -16.24 -9.92
CA THR A 184 21.69 -15.47 -10.38
C THR A 184 21.83 -15.41 -11.91
N THR A 185 20.77 -15.79 -12.65
CA THR A 185 20.77 -15.73 -14.10
C THR A 185 19.59 -14.91 -14.65
N ASP A 186 19.86 -14.21 -15.75
CA ASP A 186 18.90 -13.40 -16.48
C ASP A 186 18.32 -14.24 -17.65
N ARG A 187 18.80 -15.49 -17.80
CA ARG A 187 18.32 -16.40 -18.85
C ARG A 187 16.99 -17.08 -18.47
N VAL A 188 16.60 -16.95 -17.20
CA VAL A 188 15.33 -17.40 -16.63
C VAL A 188 14.80 -16.32 -15.70
N MET A 189 13.58 -15.83 -15.99
CA MET A 189 12.88 -14.92 -15.11
C MET A 189 11.79 -15.76 -14.42
N THR A 190 11.78 -15.76 -13.08
CA THR A 190 10.81 -16.50 -12.27
C THR A 190 9.79 -15.51 -11.71
N VAL A 191 8.50 -15.78 -11.94
CA VAL A 191 7.41 -14.91 -11.46
C VAL A 191 6.48 -15.78 -10.61
N SER A 192 6.38 -15.47 -9.29
CA SER A 192 5.54 -16.26 -8.39
C SER A 192 4.54 -15.41 -7.64
N PHE A 193 3.28 -15.86 -7.63
CA PHE A 193 2.14 -15.26 -6.92
C PHE A 193 1.80 -16.29 -5.86
N HIS A 194 1.86 -15.89 -4.58
CA HIS A 194 1.69 -16.85 -3.49
C HIS A 194 1.27 -16.16 -2.22
N LYS A 195 0.76 -16.95 -1.27
CA LYS A 195 0.43 -16.48 0.07
C LYS A 195 1.77 -16.28 0.78
N TYR A 196 1.91 -15.16 1.51
CA TYR A 196 3.13 -14.84 2.21
C TYR A 196 2.80 -14.31 3.61
N GLY A 197 3.61 -14.73 4.57
CA GLY A 197 3.48 -14.35 5.97
C GLY A 197 3.11 -15.54 6.83
N GLU A 198 4.12 -16.14 7.52
CA GLU A 198 3.97 -17.29 8.42
C GLU A 198 3.31 -18.45 7.67
N TYR A 199 3.83 -18.73 6.47
CA TYR A 199 3.30 -19.74 5.57
C TYR A 199 4.44 -20.42 4.83
N PHE A 200 4.27 -21.71 4.55
CA PHE A 200 5.25 -22.51 3.82
C PHE A 200 5.49 -21.95 2.40
N PRO A 201 6.74 -21.90 1.87
CA PRO A 201 8.02 -22.26 2.51
C PRO A 201 8.67 -21.14 3.35
N GLY A 202 8.04 -19.96 3.42
CA GLY A 202 8.56 -18.82 4.18
C GLY A 202 9.41 -17.86 3.38
N THR A 203 9.55 -18.14 2.08
CA THR A 203 10.34 -17.36 1.13
C THR A 203 9.40 -16.61 0.17
N GLY A 204 9.98 -15.86 -0.74
CA GLY A 204 9.17 -15.13 -1.72
C GLY A 204 8.71 -13.76 -1.29
N ASP A 205 9.60 -13.03 -0.60
CA ASP A 205 9.28 -11.67 -0.17
C ASP A 205 9.32 -10.77 -1.44
N LEU A 206 8.54 -9.67 -1.43
CA LEU A 206 8.51 -8.65 -2.48
C LEU A 206 9.96 -8.17 -2.84
N ARG A 207 10.83 -8.07 -1.82
CA ARG A 207 12.19 -7.58 -1.90
C ARG A 207 13.19 -8.61 -2.42
N ASP A 208 12.77 -9.89 -2.61
CA ASP A 208 13.60 -10.95 -3.17
C ASP A 208 13.47 -10.80 -4.70
N ILE A 209 14.48 -10.15 -5.29
CA ILE A 209 14.45 -9.78 -6.71
C ILE A 209 15.57 -10.40 -7.57
N GLY A 210 16.32 -11.35 -7.03
CA GLY A 210 17.44 -11.98 -7.74
C GLY A 210 18.76 -11.37 -7.32
N ALA A 211 19.88 -11.94 -7.81
CA ALA A 211 21.22 -11.44 -7.47
C ALA A 211 22.18 -11.56 -8.66
N GLY A 212 23.17 -10.66 -8.70
CA GLY A 212 24.18 -10.61 -9.74
C GLY A 212 23.55 -10.35 -11.09
N LYS A 213 23.89 -11.19 -12.07
CA LYS A 213 23.33 -11.18 -13.42
C LYS A 213 21.77 -11.32 -13.40
N GLY A 214 21.22 -12.02 -12.39
CA GLY A 214 19.78 -12.23 -12.20
C GLY A 214 19.04 -11.19 -11.40
N LYS A 215 19.73 -10.10 -10.99
CA LYS A 215 19.06 -9.02 -10.23
C LYS A 215 18.00 -8.39 -11.14
N TYR A 216 16.72 -8.37 -10.64
CA TYR A 216 15.46 -7.93 -11.28
C TYR A 216 14.82 -9.03 -12.14
N TYR A 217 15.36 -10.27 -12.10
CA TYR A 217 14.81 -11.37 -12.90
C TYR A 217 14.06 -12.38 -12.03
N ALA A 218 13.84 -12.04 -10.76
CA ALA A 218 13.01 -12.83 -9.84
C ALA A 218 11.91 -11.86 -9.38
N VAL A 219 10.65 -12.22 -9.66
CA VAL A 219 9.47 -11.37 -9.38
C VAL A 219 8.56 -12.13 -8.42
N ASN A 220 8.26 -11.51 -7.27
CA ASN A 220 7.41 -12.12 -6.26
C ASN A 220 6.22 -11.25 -5.92
N PHE A 221 4.99 -11.82 -5.97
CA PHE A 221 3.78 -11.12 -5.58
C PHE A 221 3.23 -11.77 -4.31
N PRO A 222 3.62 -11.25 -3.11
CA PRO A 222 3.12 -11.81 -1.84
C PRO A 222 1.67 -11.41 -1.61
N MET A 223 0.84 -12.36 -1.20
CA MET A 223 -0.60 -12.16 -0.96
C MET A 223 -1.04 -12.66 0.41
N ARG A 224 -2.25 -12.29 0.80
CA ARG A 224 -2.87 -12.66 2.07
C ARG A 224 -3.99 -13.63 1.78
N ASP A 225 -4.67 -14.12 2.84
CA ASP A 225 -5.80 -15.04 2.79
C ASP A 225 -6.99 -14.47 2.06
N GLY A 226 -7.72 -15.37 1.40
CA GLY A 226 -9.00 -15.10 0.77
C GLY A 226 -9.03 -14.33 -0.53
N ILE A 227 -7.93 -14.33 -1.30
CA ILE A 227 -7.93 -13.63 -2.57
C ILE A 227 -8.99 -14.26 -3.49
N ASP A 228 -9.77 -13.42 -4.18
CA ASP A 228 -10.81 -13.88 -5.10
C ASP A 228 -10.38 -13.70 -6.57
N ASP A 229 -11.21 -14.15 -7.52
CA ASP A 229 -11.00 -14.08 -8.96
C ASP A 229 -10.77 -12.66 -9.46
N GLU A 230 -11.58 -11.70 -8.97
CA GLU A 230 -11.52 -10.29 -9.36
C GLU A 230 -10.21 -9.60 -8.96
N SER A 231 -9.76 -9.80 -7.73
CA SER A 231 -8.50 -9.22 -7.25
C SER A 231 -7.30 -9.85 -7.99
N TYR A 232 -7.32 -11.19 -8.14
CA TYR A 232 -6.25 -11.92 -8.81
C TYR A 232 -6.10 -11.51 -10.31
N GLY A 233 -7.19 -11.51 -11.05
CA GLY A 233 -7.20 -11.17 -12.47
C GLY A 233 -6.76 -9.76 -12.80
N GLN A 234 -7.10 -8.81 -11.89
CA GLN A 234 -6.73 -7.40 -11.99
C GLN A 234 -5.23 -7.16 -11.84
N ILE A 235 -4.50 -8.10 -11.22
CA ILE A 235 -3.07 -7.92 -11.09
C ILE A 235 -2.29 -8.86 -12.01
N PHE A 236 -2.85 -10.05 -12.31
CA PHE A 236 -2.18 -11.07 -13.12
C PHE A 236 -1.91 -10.62 -14.56
N LYS A 237 -2.97 -10.22 -15.31
CA LYS A 237 -2.85 -9.76 -16.69
C LYS A 237 -1.87 -8.56 -16.82
N PRO A 238 -1.95 -7.47 -15.99
CA PRO A 238 -0.97 -6.38 -16.13
C PRO A 238 0.48 -6.77 -15.82
N ILE A 239 0.74 -7.59 -14.76
CA ILE A 239 2.10 -8.04 -14.39
C ILE A 239 2.73 -8.88 -15.54
N ILE A 240 1.98 -9.90 -16.05
CA ILE A 240 2.47 -10.78 -17.11
C ILE A 240 2.71 -9.99 -18.40
N SER A 241 1.80 -9.06 -18.75
CA SER A 241 1.96 -8.19 -19.93
C SER A 241 3.23 -7.35 -19.86
N LYS A 242 3.53 -6.76 -18.68
CA LYS A 242 4.73 -5.95 -18.48
C LYS A 242 5.97 -6.81 -18.53
N VAL A 243 5.90 -8.03 -17.94
CA VAL A 243 6.99 -9.00 -17.96
C VAL A 243 7.28 -9.40 -19.41
N MET A 244 6.23 -9.67 -20.22
CA MET A 244 6.36 -10.06 -21.62
C MET A 244 7.02 -8.95 -22.46
N GLU A 245 6.60 -7.70 -22.22
CA GLU A 245 7.09 -6.50 -22.90
C GLU A 245 8.57 -6.24 -22.55
N MET A 246 8.93 -6.31 -21.25
CA MET A 246 10.26 -6.03 -20.74
C MET A 246 11.27 -7.17 -20.94
N TYR A 247 10.84 -8.40 -20.68
CA TYR A 247 11.71 -9.55 -20.73
C TYR A 247 11.76 -10.24 -22.09
N GLN A 248 10.66 -10.19 -22.86
CA GLN A 248 10.53 -10.79 -24.20
C GLN A 248 11.09 -12.23 -24.26
N PRO A 249 10.50 -13.17 -23.47
CA PRO A 249 11.01 -14.55 -23.49
C PRO A 249 10.62 -15.27 -24.78
N SER A 250 11.32 -16.36 -25.12
CA SER A 250 10.96 -17.15 -26.31
C SER A 250 10.22 -18.45 -25.95
N ALA A 251 10.09 -18.74 -24.65
CA ALA A 251 9.37 -19.92 -24.15
C ALA A 251 8.86 -19.62 -22.75
N VAL A 252 7.72 -20.25 -22.37
CA VAL A 252 7.09 -20.04 -21.05
C VAL A 252 6.79 -21.37 -20.36
N VAL A 253 7.03 -21.42 -19.04
CA VAL A 253 6.69 -22.55 -18.18
C VAL A 253 5.68 -22.02 -17.17
N LEU A 254 4.46 -22.57 -17.18
CA LEU A 254 3.37 -22.18 -16.27
C LEU A 254 3.04 -23.34 -15.32
N GLN A 255 3.33 -23.14 -14.03
CA GLN A 255 3.07 -24.10 -12.97
C GLN A 255 1.67 -23.74 -12.47
N CYS A 256 0.71 -24.67 -12.65
CA CYS A 256 -0.72 -24.47 -12.35
C CYS A 256 -1.22 -25.11 -11.05
N GLY A 257 -0.43 -25.03 -9.97
CA GLY A 257 -0.81 -25.60 -8.67
C GLY A 257 -2.22 -25.17 -8.30
N ALA A 258 -3.10 -26.17 -8.11
CA ALA A 258 -4.53 -25.98 -7.83
C ALA A 258 -4.86 -25.77 -6.35
N ASP A 259 -3.84 -25.63 -5.49
CA ASP A 259 -4.03 -25.32 -4.06
C ASP A 259 -4.37 -23.82 -3.81
N SER A 260 -4.41 -23.02 -4.90
CA SER A 260 -4.82 -21.62 -4.87
C SER A 260 -6.35 -21.51 -5.08
N LEU A 261 -7.04 -22.65 -5.21
CA LEU A 261 -8.50 -22.68 -5.36
C LEU A 261 -9.16 -22.63 -4.01
N SER A 262 -10.37 -22.03 -3.99
CA SER A 262 -11.30 -21.98 -2.86
C SER A 262 -11.57 -23.43 -2.41
N GLY A 263 -11.58 -23.65 -1.10
CA GLY A 263 -11.85 -24.94 -0.48
C GLY A 263 -10.70 -25.92 -0.42
N ASP A 264 -9.47 -25.49 -0.80
CA ASP A 264 -8.32 -26.40 -0.79
C ASP A 264 -7.99 -26.77 0.67
N ARG A 265 -7.72 -28.07 0.93
CA ARG A 265 -7.37 -28.59 2.25
C ARG A 265 -6.20 -27.82 2.93
N LEU A 266 -5.14 -27.48 2.16
CA LEU A 266 -3.98 -26.77 2.72
C LEU A 266 -3.90 -25.26 2.34
N GLY A 267 -4.71 -24.84 1.37
CA GLY A 267 -4.74 -23.46 0.88
C GLY A 267 -5.70 -22.55 1.61
N CYS A 268 -5.44 -21.22 1.51
CA CYS A 268 -6.19 -20.13 2.13
C CYS A 268 -6.76 -19.15 1.08
N PHE A 269 -6.71 -19.47 -0.21
CA PHE A 269 -7.22 -18.57 -1.26
C PHE A 269 -8.69 -18.87 -1.54
N ASN A 270 -9.32 -18.04 -2.39
CA ASN A 270 -10.73 -18.15 -2.71
C ASN A 270 -11.00 -18.03 -4.24
N LEU A 271 -10.08 -18.55 -5.03
CA LEU A 271 -10.23 -18.56 -6.50
C LEU A 271 -11.16 -19.66 -6.92
N THR A 272 -11.86 -19.44 -8.04
CA THR A 272 -12.69 -20.47 -8.66
C THR A 272 -11.86 -21.10 -9.77
N VAL A 273 -12.37 -22.18 -10.41
CA VAL A 273 -11.70 -22.84 -11.53
C VAL A 273 -11.54 -21.79 -12.69
N LYS A 274 -12.63 -21.03 -12.97
CA LYS A 274 -12.63 -19.93 -13.95
C LYS A 274 -11.54 -18.88 -13.74
N GLY A 275 -11.37 -18.43 -12.50
CA GLY A 275 -10.37 -17.44 -12.11
C GLY A 275 -8.95 -17.95 -12.22
N HIS A 276 -8.74 -19.24 -11.84
CA HIS A 276 -7.46 -19.92 -11.92
C HIS A 276 -7.08 -20.10 -13.41
N ALA A 277 -8.03 -20.60 -14.27
CA ALA A 277 -7.85 -20.85 -15.71
C ALA A 277 -7.66 -19.58 -16.57
N LYS A 278 -8.08 -18.41 -16.06
CA LYS A 278 -7.91 -17.15 -16.77
C LYS A 278 -6.39 -16.88 -16.93
N CYS A 279 -5.57 -17.39 -16.00
CA CYS A 279 -4.11 -17.29 -16.04
C CYS A 279 -3.54 -18.03 -17.25
N VAL A 280 -4.15 -19.19 -17.61
CA VAL A 280 -3.77 -20.00 -18.76
C VAL A 280 -4.13 -19.21 -20.05
N GLU A 281 -5.37 -18.70 -20.13
CA GLU A 281 -5.87 -17.88 -21.24
C GLU A 281 -4.93 -16.68 -21.48
N VAL A 282 -4.53 -15.96 -20.40
CA VAL A 282 -3.63 -14.82 -20.51
C VAL A 282 -2.28 -15.24 -21.14
N VAL A 283 -1.59 -16.18 -20.54
CA VAL A 283 -0.30 -16.68 -21.01
C VAL A 283 -0.36 -17.20 -22.47
N LYS A 284 -1.44 -17.92 -22.82
CA LYS A 284 -1.69 -18.48 -24.15
C LYS A 284 -1.79 -17.41 -25.28
N THR A 285 -2.36 -16.23 -24.95
CA THR A 285 -2.54 -15.08 -25.83
C THR A 285 -1.19 -14.52 -26.37
N PHE A 286 -0.06 -14.83 -25.72
CA PHE A 286 1.25 -14.34 -26.16
C PHE A 286 1.88 -15.19 -27.28
N ASN A 287 1.26 -16.35 -27.59
CA ASN A 287 1.65 -17.26 -28.68
C ASN A 287 3.12 -17.71 -28.60
N LEU A 288 3.56 -18.09 -27.40
CA LEU A 288 4.92 -18.55 -27.18
C LEU A 288 4.87 -20.04 -26.84
N PRO A 289 5.89 -20.84 -27.21
CA PRO A 289 5.90 -22.27 -26.78
C PRO A 289 5.64 -22.33 -25.27
N LEU A 290 4.64 -23.12 -24.86
CA LEU A 290 4.21 -23.16 -23.48
C LEU A 290 4.21 -24.57 -22.85
N LEU A 291 4.83 -24.69 -21.66
CA LEU A 291 4.82 -25.92 -20.89
C LEU A 291 3.93 -25.68 -19.67
N MET A 292 2.78 -26.39 -19.61
CA MET A 292 1.83 -26.31 -18.49
C MET A 292 2.08 -27.49 -17.55
N LEU A 293 2.25 -27.19 -16.26
CA LEU A 293 2.56 -28.21 -15.27
C LEU A 293 1.61 -28.18 -14.09
N GLY A 294 1.60 -29.28 -13.32
CA GLY A 294 0.80 -29.40 -12.11
C GLY A 294 1.42 -28.67 -10.93
N GLY A 295 1.31 -29.27 -9.73
CA GLY A 295 1.80 -28.70 -8.49
C GLY A 295 0.94 -29.17 -7.34
N GLY A 296 0.67 -28.30 -6.36
CA GLY A 296 -0.18 -28.65 -5.23
C GLY A 296 -1.66 -28.73 -5.60
N GLY A 297 -2.49 -29.07 -4.64
CA GLY A 297 -3.93 -29.20 -4.82
C GLY A 297 -4.34 -30.40 -4.01
N TYR A 298 -5.11 -30.15 -2.90
CA TYR A 298 -5.39 -31.16 -1.88
C TYR A 298 -6.90 -31.47 -1.69
N THR A 299 -7.79 -30.76 -2.39
CA THR A 299 -9.21 -31.11 -2.51
C THR A 299 -9.24 -31.68 -3.92
N ILE A 300 -8.93 -32.98 -4.01
CA ILE A 300 -8.68 -33.68 -5.28
C ILE A 300 -9.85 -33.56 -6.29
N ARG A 301 -11.14 -33.45 -5.85
CA ARG A 301 -12.25 -33.25 -6.81
C ARG A 301 -12.09 -31.89 -7.57
N ASN A 302 -11.61 -30.85 -6.87
CA ASN A 302 -11.38 -29.53 -7.45
C ASN A 302 -10.11 -29.45 -8.27
N VAL A 303 -9.11 -30.29 -7.99
CA VAL A 303 -7.87 -30.44 -8.76
C VAL A 303 -8.26 -31.04 -10.10
N ALA A 304 -9.09 -32.13 -10.08
CA ALA A 304 -9.55 -32.79 -11.32
C ALA A 304 -10.36 -31.80 -12.19
N ARG A 305 -11.22 -30.97 -11.57
CA ARG A 305 -12.04 -29.97 -12.28
C ARG A 305 -11.14 -28.92 -12.91
N CYS A 306 -10.17 -28.41 -12.12
CA CYS A 306 -9.24 -27.36 -12.49
C CYS A 306 -8.39 -27.71 -13.67
N TRP A 307 -7.66 -28.81 -13.56
CA TRP A 307 -6.75 -29.25 -14.60
C TRP A 307 -7.46 -29.76 -15.84
N THR A 308 -8.70 -30.29 -15.71
CA THR A 308 -9.52 -30.68 -16.90
C THR A 308 -9.89 -29.39 -17.68
N TYR A 309 -10.37 -28.39 -16.97
CA TYR A 309 -10.77 -27.12 -17.56
C TYR A 309 -9.59 -26.38 -18.21
N GLU A 310 -8.39 -26.47 -17.58
CA GLU A 310 -7.15 -25.84 -18.05
C GLU A 310 -6.58 -26.52 -19.29
N THR A 311 -6.87 -27.82 -19.44
CA THR A 311 -6.52 -28.57 -20.64
C THR A 311 -7.48 -28.12 -21.78
N ALA A 312 -8.79 -28.02 -21.46
CA ALA A 312 -9.84 -27.59 -22.39
C ALA A 312 -9.55 -26.16 -22.90
N VAL A 313 -9.09 -25.27 -22.00
CA VAL A 313 -8.67 -23.91 -22.29
C VAL A 313 -7.46 -23.92 -23.24
N ALA A 314 -6.45 -24.79 -22.99
CA ALA A 314 -5.26 -24.89 -23.86
C ALA A 314 -5.70 -25.24 -25.28
N LEU A 315 -6.75 -26.10 -25.39
CA LEU A 315 -7.35 -26.58 -26.66
C LEU A 315 -8.41 -25.63 -27.26
N ASP A 316 -8.73 -24.51 -26.58
CA ASP A 316 -9.77 -23.53 -26.99
C ASP A 316 -11.11 -24.25 -27.18
N CYS A 317 -11.37 -25.22 -26.27
CA CYS A 317 -12.54 -26.06 -26.29
C CYS A 317 -13.48 -25.70 -25.15
N GLU A 318 -14.71 -25.37 -25.52
CA GLU A 318 -15.84 -25.08 -24.66
C GLU A 318 -16.33 -26.45 -24.15
N ILE A 319 -16.27 -26.69 -22.83
CA ILE A 319 -16.76 -27.93 -22.22
C ILE A 319 -17.96 -27.61 -21.32
N PRO A 320 -19.08 -28.37 -21.37
CA PRO A 320 -20.23 -28.03 -20.51
C PRO A 320 -19.95 -28.11 -19.01
N ASN A 321 -20.74 -27.35 -18.22
CA ASN A 321 -20.64 -27.33 -16.76
C ASN A 321 -21.10 -28.68 -16.19
N GLU A 322 -22.11 -29.29 -16.80
CA GLU A 322 -22.64 -30.60 -16.41
C GLU A 322 -21.55 -31.64 -16.69
N LEU A 323 -21.03 -32.28 -15.64
CA LEU A 323 -19.98 -33.28 -15.77
C LEU A 323 -20.44 -34.54 -16.47
N PRO A 324 -19.59 -35.10 -17.37
CA PRO A 324 -19.95 -36.39 -17.97
C PRO A 324 -19.72 -37.50 -16.92
N TYR A 325 -20.34 -38.67 -17.13
CA TYR A 325 -20.11 -39.80 -16.26
C TYR A 325 -18.64 -40.21 -16.41
N ASN A 326 -18.03 -40.65 -15.31
CA ASN A 326 -16.61 -41.04 -15.27
C ASN A 326 -16.41 -42.00 -14.11
N ASP A 327 -15.20 -42.60 -13.99
CA ASP A 327 -14.89 -43.57 -12.94
C ASP A 327 -14.84 -43.00 -11.51
N TYR A 328 -14.83 -41.65 -11.37
CA TYR A 328 -14.76 -40.97 -10.07
C TYR A 328 -15.91 -40.02 -9.89
N PHE A 329 -17.03 -40.29 -10.56
CA PHE A 329 -18.24 -39.47 -10.58
C PHE A 329 -18.72 -39.05 -9.17
N GLU A 330 -18.72 -39.99 -8.19
CA GLU A 330 -19.14 -39.76 -6.80
C GLU A 330 -18.29 -38.70 -6.05
N TYR A 331 -17.02 -38.48 -6.49
CA TYR A 331 -16.13 -37.49 -5.90
C TYR A 331 -16.61 -36.08 -6.15
N PHE A 332 -17.38 -35.88 -7.23
CA PHE A 332 -17.86 -34.56 -7.67
C PHE A 332 -19.26 -34.19 -7.14
N GLY A 333 -19.75 -34.97 -6.18
CA GLY A 333 -21.00 -34.67 -5.49
C GLY A 333 -20.80 -33.46 -4.59
N PRO A 334 -21.88 -32.80 -4.15
CA PRO A 334 -23.30 -33.13 -4.37
C PRO A 334 -23.87 -32.53 -5.65
N ASP A 335 -23.13 -31.62 -6.29
CA ASP A 335 -23.55 -30.88 -7.48
C ASP A 335 -23.29 -31.54 -8.82
N PHE A 336 -22.14 -32.22 -8.98
CA PHE A 336 -21.68 -32.89 -10.21
C PHE A 336 -21.47 -31.90 -11.37
N LYS A 337 -20.99 -30.67 -11.02
CA LYS A 337 -20.70 -29.60 -11.97
C LYS A 337 -19.18 -29.44 -12.08
N LEU A 338 -18.71 -28.88 -13.20
CA LEU A 338 -17.29 -28.69 -13.44
C LEU A 338 -16.79 -27.49 -12.67
N HIS A 339 -17.57 -26.40 -12.67
CA HIS A 339 -17.18 -25.15 -12.02
C HIS A 339 -17.58 -25.10 -10.56
N ILE A 340 -16.78 -24.38 -9.77
CA ILE A 340 -16.92 -24.21 -8.33
C ILE A 340 -17.33 -22.79 -7.95
N SER A 341 -17.89 -22.65 -6.77
CA SER A 341 -18.33 -21.40 -6.20
C SER A 341 -17.34 -20.95 -5.10
N PRO A 342 -17.08 -19.65 -4.96
CA PRO A 342 -16.19 -19.22 -3.88
C PRO A 342 -16.88 -19.33 -2.50
N SER A 343 -16.09 -19.35 -1.41
CA SER A 343 -16.62 -19.40 -0.06
C SER A 343 -16.89 -17.97 0.47
N ASN A 344 -17.46 -17.88 1.68
CA ASN A 344 -17.80 -16.62 2.35
C ASN A 344 -16.59 -15.95 3.06
N MET A 345 -15.39 -16.57 2.96
CA MET A 345 -14.18 -16.08 3.61
C MET A 345 -13.81 -14.65 3.21
N THR A 346 -13.29 -13.90 4.18
CA THR A 346 -12.86 -12.52 3.99
C THR A 346 -11.58 -12.51 3.15
N ASN A 347 -11.57 -11.59 2.17
CA ASN A 347 -10.41 -11.35 1.33
C ASN A 347 -9.57 -10.33 2.11
N GLN A 348 -8.43 -10.79 2.67
CA GLN A 348 -7.53 -9.93 3.44
C GLN A 348 -6.70 -8.99 2.56
N ASN A 349 -6.69 -9.23 1.24
CA ASN A 349 -5.96 -8.41 0.24
C ASN A 349 -6.87 -7.30 -0.22
N THR A 350 -6.65 -6.11 0.26
CA THR A 350 -7.50 -5.02 -0.21
C THR A 350 -7.14 -4.62 -1.65
N PRO A 351 -8.05 -3.94 -2.38
CA PRO A 351 -7.70 -3.42 -3.73
C PRO A 351 -6.50 -2.47 -3.72
N GLU A 352 -6.33 -1.69 -2.64
CA GLU A 352 -5.19 -0.75 -2.53
C GLU A 352 -3.89 -1.52 -2.36
N TYR A 353 -3.90 -2.60 -1.52
CA TYR A 353 -2.74 -3.45 -1.30
C TYR A 353 -2.33 -4.07 -2.62
N MET A 354 -3.32 -4.61 -3.38
CA MET A 354 -3.10 -5.25 -4.69
C MET A 354 -2.43 -4.28 -5.68
N GLU A 355 -2.93 -3.02 -5.75
CA GLU A 355 -2.42 -1.95 -6.60
C GLU A 355 -1.02 -1.49 -6.19
N LYS A 356 -0.80 -1.36 -4.87
CA LYS A 356 0.49 -0.93 -4.33
C LYS A 356 1.60 -1.95 -4.61
N ILE A 357 1.31 -3.27 -4.43
CA ILE A 357 2.29 -4.34 -4.72
C ILE A 357 2.59 -4.36 -6.23
N LYS A 358 1.54 -4.26 -7.04
CA LYS A 358 1.69 -4.21 -8.49
C LYS A 358 2.59 -3.04 -8.94
N GLN A 359 2.44 -1.86 -8.29
CA GLN A 359 3.24 -0.69 -8.61
C GLN A 359 4.70 -0.84 -8.24
N ARG A 360 4.95 -1.52 -7.13
CA ARG A 360 6.29 -1.82 -6.65
C ARG A 360 7.02 -2.74 -7.62
N LEU A 361 6.32 -3.75 -8.17
CA LEU A 361 6.83 -4.71 -9.16
C LEU A 361 7.10 -4.00 -10.50
N PHE A 362 6.21 -3.08 -10.88
CA PHE A 362 6.33 -2.28 -12.09
C PHE A 362 7.61 -1.42 -12.07
N GLU A 363 7.97 -0.88 -10.90
CA GLU A 363 9.20 -0.09 -10.71
C GLU A 363 10.45 -0.99 -10.94
N ASN A 364 10.41 -2.24 -10.44
CA ASN A 364 11.47 -3.25 -10.62
C ASN A 364 11.57 -3.69 -12.07
N LEU A 365 10.42 -3.80 -12.77
CA LEU A 365 10.39 -4.21 -14.18
C LEU A 365 10.96 -3.16 -15.13
N ARG A 366 10.91 -1.88 -14.72
CA ARG A 366 11.45 -0.73 -15.46
C ARG A 366 12.98 -0.73 -15.41
N MET A 367 13.56 -1.44 -14.41
CA MET A 367 15.01 -1.61 -14.23
C MET A 367 15.61 -2.58 -15.27
N LEU A 368 14.75 -3.32 -16.00
CA LEU A 368 15.20 -4.22 -17.05
C LEU A 368 15.62 -3.39 -18.28
N PRO A 369 16.79 -3.68 -18.90
CA PRO A 369 17.23 -2.87 -20.06
C PRO A 369 16.35 -3.00 -21.32
N LYS B 4 24.12 8.20 21.34
CA LYS B 4 22.97 7.84 22.17
C LYS B 4 22.49 6.38 21.93
N LYS B 5 22.75 5.54 22.95
CA LYS B 5 22.40 4.14 23.03
C LYS B 5 20.88 4.02 23.36
N VAL B 6 20.18 3.13 22.63
CA VAL B 6 18.76 2.87 22.84
C VAL B 6 18.56 1.39 23.09
N CYS B 7 17.88 1.06 24.21
N CYS B 7 17.89 1.04 24.20
CA CYS B 7 17.51 -0.30 24.57
CA CYS B 7 17.54 -0.35 24.46
C CYS B 7 16.00 -0.38 24.37
C CYS B 7 16.03 -0.46 24.44
N TYR B 8 15.52 -1.43 23.69
CA TYR B 8 14.10 -1.60 23.39
C TYR B 8 13.61 -2.96 23.92
N TYR B 9 12.45 -2.98 24.57
CA TYR B 9 11.85 -4.17 25.17
C TYR B 9 10.64 -4.63 24.41
N TYR B 10 10.63 -5.90 24.07
CA TYR B 10 9.53 -6.51 23.31
C TYR B 10 9.47 -7.99 23.57
N ASP B 11 8.26 -8.50 23.81
CA ASP B 11 8.05 -9.93 23.96
C ASP B 11 7.17 -10.38 22.79
N GLY B 12 7.63 -11.38 22.05
CA GLY B 12 6.92 -11.95 20.91
C GLY B 12 5.51 -12.45 21.17
N ASP B 13 5.16 -12.72 22.44
CA ASP B 13 3.83 -13.21 22.83
C ASP B 13 2.82 -12.12 23.07
N ILE B 14 3.28 -10.88 23.34
CA ILE B 14 2.44 -9.71 23.71
C ILE B 14 1.25 -9.50 22.75
N GLY B 15 1.46 -9.70 21.44
CA GLY B 15 0.44 -9.50 20.42
C GLY B 15 -0.67 -10.52 20.43
N ASN B 16 -0.54 -11.60 21.22
CA ASN B 16 -1.52 -12.70 21.30
C ASN B 16 -2.56 -12.51 22.40
N TYR B 17 -2.37 -11.53 23.29
CA TYR B 17 -3.32 -11.23 24.35
C TYR B 17 -4.51 -10.47 23.75
N TYR B 18 -5.72 -10.96 24.03
CA TYR B 18 -6.95 -10.43 23.47
C TYR B 18 -7.92 -10.01 24.53
N TYR B 19 -8.32 -8.71 24.52
CA TYR B 19 -9.25 -8.12 25.47
C TYR B 19 -10.72 -8.56 25.24
N GLY B 20 -10.99 -9.18 24.09
CA GLY B 20 -12.33 -9.63 23.72
C GLY B 20 -12.90 -8.88 22.52
N GLN B 21 -13.89 -9.51 21.86
CA GLN B 21 -14.59 -8.99 20.68
C GLN B 21 -15.18 -7.62 20.92
N GLY B 22 -14.81 -6.69 20.04
CA GLY B 22 -15.26 -5.30 20.09
C GLY B 22 -14.47 -4.39 21.02
N HIS B 23 -13.63 -4.94 21.92
CA HIS B 23 -12.85 -4.10 22.84
C HIS B 23 -11.78 -3.28 22.05
N PRO B 24 -11.71 -1.93 22.28
CA PRO B 24 -10.75 -1.11 21.51
C PRO B 24 -9.26 -1.34 21.79
N MET B 25 -8.91 -1.84 23.00
CA MET B 25 -7.52 -2.08 23.37
C MET B 25 -7.04 -3.36 22.68
N LYS B 26 -6.09 -3.20 21.74
CA LYS B 26 -5.59 -4.31 20.95
C LYS B 26 -4.08 -4.50 21.08
N PRO B 27 -3.61 -5.42 21.98
CA PRO B 27 -2.16 -5.66 22.15
C PRO B 27 -1.38 -6.00 20.86
N HIS B 28 -2.07 -6.49 19.79
CA HIS B 28 -1.54 -6.78 18.46
C HIS B 28 -0.82 -5.56 17.83
N ARG B 29 -1.29 -4.32 18.17
CA ARG B 29 -0.71 -3.05 17.74
C ARG B 29 0.80 -2.94 18.10
N ILE B 30 1.24 -3.66 19.16
CA ILE B 30 2.64 -3.68 19.64
C ILE B 30 3.44 -4.52 18.65
N ARG B 31 2.86 -5.64 18.22
CA ARG B 31 3.46 -6.52 17.22
C ARG B 31 3.57 -5.81 15.87
N MET B 32 2.50 -5.08 15.49
CA MET B 32 2.50 -4.26 14.28
C MET B 32 3.62 -3.22 14.33
N THR B 33 3.80 -2.54 15.51
CA THR B 33 4.87 -1.57 15.70
C THR B 33 6.22 -2.25 15.49
N HIS B 34 6.45 -3.35 16.24
CA HIS B 34 7.68 -4.12 16.20
C HIS B 34 8.03 -4.58 14.77
N ASN B 35 7.05 -5.14 14.03
CA ASN B 35 7.23 -5.61 12.66
C ASN B 35 7.59 -4.48 11.70
N LEU B 36 6.91 -3.31 11.84
CA LEU B 36 7.20 -2.13 11.00
C LEU B 36 8.63 -1.63 11.24
N LEU B 37 9.05 -1.49 12.53
CA LEU B 37 10.39 -0.98 12.79
C LEU B 37 11.49 -1.98 12.40
N LEU B 38 11.20 -3.31 12.44
CA LEU B 38 12.18 -4.31 11.97
C LEU B 38 12.36 -4.15 10.45
N ASN B 39 11.25 -3.97 9.72
CA ASN B 39 11.26 -3.78 8.26
C ASN B 39 11.88 -2.45 7.81
N TYR B 40 11.95 -1.43 8.70
CA TYR B 40 12.67 -0.19 8.43
C TYR B 40 14.19 -0.41 8.71
N GLY B 41 14.53 -1.54 9.37
CA GLY B 41 15.89 -1.94 9.72
C GLY B 41 16.44 -1.27 10.96
N LEU B 42 15.53 -0.73 11.81
CA LEU B 42 15.91 -0.01 13.04
C LEU B 42 16.55 -0.91 14.10
N TYR B 43 16.37 -2.25 13.99
CA TYR B 43 16.99 -3.25 14.89
C TYR B 43 18.55 -3.19 14.80
N ARG B 44 19.09 -2.68 13.68
CA ARG B 44 20.53 -2.55 13.44
C ARG B 44 21.14 -1.49 14.36
N LYS B 45 20.35 -0.46 14.72
CA LYS B 45 20.78 0.68 15.52
C LYS B 45 20.44 0.56 17.01
N MET B 46 19.67 -0.44 17.41
CA MET B 46 19.31 -0.57 18.82
C MET B 46 19.45 -1.99 19.38
N GLU B 47 19.52 -2.09 20.70
CA GLU B 47 19.59 -3.36 21.41
C GLU B 47 18.17 -3.78 21.78
N ILE B 48 17.77 -4.98 21.33
CA ILE B 48 16.44 -5.51 21.56
C ILE B 48 16.50 -6.54 22.66
N TYR B 49 15.72 -6.32 23.72
CA TYR B 49 15.66 -7.25 24.84
C TYR B 49 14.26 -7.80 24.99
N ARG B 50 14.19 -8.99 25.56
CA ARG B 50 12.91 -9.60 25.87
C ARG B 50 12.66 -9.23 27.33
N PRO B 51 11.51 -8.66 27.70
CA PRO B 51 11.29 -8.35 29.12
C PRO B 51 11.17 -9.59 30.00
N HIS B 52 11.45 -9.43 31.28
CA HIS B 52 11.23 -10.55 32.21
C HIS B 52 9.74 -10.47 32.57
N LYS B 53 9.22 -11.52 33.18
CA LYS B 53 7.84 -11.42 33.63
C LYS B 53 7.90 -10.85 35.04
N ALA B 54 7.52 -9.59 35.23
CA ALA B 54 7.53 -8.95 36.56
C ALA B 54 6.73 -9.80 37.55
N THR B 55 7.29 -9.97 38.74
CA THR B 55 6.77 -10.81 39.81
C THR B 55 5.77 -10.07 40.68
N ALA B 56 5.08 -10.82 41.57
CA ALA B 56 4.15 -10.27 42.54
C ALA B 56 4.93 -9.38 43.53
N GLU B 57 6.17 -9.77 43.90
CA GLU B 57 7.07 -8.99 44.79
C GLU B 57 7.35 -7.60 44.14
N GLU B 58 7.55 -7.58 42.82
CA GLU B 58 7.77 -6.35 42.08
C GLU B 58 6.51 -5.50 42.06
N MET B 59 5.34 -6.11 41.75
CA MET B 59 4.08 -5.39 41.66
C MET B 59 3.60 -4.82 42.99
N THR B 60 3.81 -5.55 44.09
CA THR B 60 3.38 -5.12 45.43
C THR B 60 4.29 -4.01 46.03
N LYS B 61 5.26 -3.51 45.25
CA LYS B 61 6.06 -2.35 45.69
C LYS B 61 5.13 -1.10 45.66
N TYR B 62 4.08 -1.17 44.82
CA TYR B 62 3.04 -0.15 44.73
C TYR B 62 1.65 -0.72 45.03
N HIS B 63 1.24 -1.79 44.29
CA HIS B 63 -0.08 -2.38 44.41
C HIS B 63 -0.27 -3.23 45.65
N SER B 64 -1.50 -3.28 46.17
CA SER B 64 -1.78 -4.09 47.34
C SER B 64 -1.61 -5.56 47.01
N ASP B 65 -1.26 -6.38 48.04
CA ASP B 65 -1.09 -7.83 47.89
C ASP B 65 -2.42 -8.45 47.49
N GLU B 66 -3.52 -8.01 48.07
CA GLU B 66 -4.86 -8.54 47.80
C GLU B 66 -5.27 -8.37 46.34
N TYR B 67 -4.99 -7.18 45.78
CA TYR B 67 -5.32 -6.90 44.40
C TYR B 67 -4.46 -7.72 43.44
N ILE B 68 -3.13 -7.80 43.68
CA ILE B 68 -2.22 -8.59 42.84
C ILE B 68 -2.55 -10.10 42.93
N LYS B 69 -2.97 -10.59 44.12
CA LYS B 69 -3.38 -11.99 44.32
C LYS B 69 -4.65 -12.28 43.50
N PHE B 70 -5.57 -11.31 43.42
CA PHE B 70 -6.78 -11.43 42.60
C PHE B 70 -6.42 -11.51 41.10
N LEU B 71 -5.55 -10.60 40.62
CA LEU B 71 -5.12 -10.54 39.22
C LEU B 71 -4.45 -11.82 38.80
N ARG B 72 -3.65 -12.41 39.70
CA ARG B 72 -2.92 -13.67 39.53
C ARG B 72 -3.85 -14.91 39.58
N SER B 73 -5.10 -14.76 40.11
CA SER B 73 -6.09 -15.83 40.26
C SER B 73 -7.28 -15.81 39.28
N ILE B 74 -7.80 -14.61 38.95
CA ILE B 74 -8.96 -14.43 38.05
C ILE B 74 -8.72 -15.01 36.64
N ARG B 75 -9.69 -15.81 36.17
CA ARG B 75 -9.70 -16.45 34.86
C ARG B 75 -11.13 -16.38 34.30
N PRO B 76 -11.35 -16.40 32.96
CA PRO B 76 -12.74 -16.40 32.45
C PRO B 76 -13.61 -17.57 32.93
N ASP B 77 -12.98 -18.69 33.34
CA ASP B 77 -13.66 -19.90 33.84
C ASP B 77 -14.01 -19.87 35.34
N ASN B 78 -13.56 -18.84 36.10
CA ASN B 78 -13.84 -18.77 37.54
C ASN B 78 -14.48 -17.44 37.99
N MET B 79 -14.91 -16.60 37.04
CA MET B 79 -15.49 -15.26 37.28
C MET B 79 -16.65 -15.24 38.28
N SER B 80 -17.55 -16.24 38.23
CA SER B 80 -18.72 -16.37 39.11
C SER B 80 -18.32 -16.47 40.59
N GLU B 81 -17.18 -17.13 40.88
CA GLU B 81 -16.63 -17.32 42.22
C GLU B 81 -15.93 -16.08 42.78
N TYR B 82 -15.51 -15.15 41.88
CA TYR B 82 -14.81 -13.91 42.23
C TYR B 82 -15.65 -12.62 42.02
N SER B 83 -16.99 -12.77 41.86
CA SER B 83 -17.96 -11.70 41.62
C SER B 83 -17.74 -10.42 42.44
N LYS B 84 -17.58 -10.57 43.79
CA LYS B 84 -17.37 -9.45 44.71
C LYS B 84 -16.02 -8.80 44.52
N GLN B 85 -14.99 -9.62 44.31
CA GLN B 85 -13.61 -9.16 44.09
C GLN B 85 -13.49 -8.38 42.79
N MET B 86 -14.22 -8.81 41.73
CA MET B 86 -14.27 -8.13 40.44
C MET B 86 -14.86 -6.71 40.61
N GLN B 87 -15.92 -6.57 41.44
CA GLN B 87 -16.58 -5.29 41.77
C GLN B 87 -15.65 -4.40 42.60
N ARG B 88 -14.93 -5.00 43.57
CA ARG B 88 -13.96 -4.36 44.45
C ARG B 88 -12.76 -3.79 43.68
N PHE B 89 -12.23 -4.57 42.72
CA PHE B 89 -11.02 -4.25 41.97
C PHE B 89 -11.27 -3.65 40.60
N ASN B 90 -12.57 -3.39 40.27
CA ASN B 90 -13.03 -2.77 39.02
C ASN B 90 -12.53 -3.53 37.76
N VAL B 91 -12.68 -4.88 37.79
CA VAL B 91 -12.33 -5.79 36.69
C VAL B 91 -13.61 -6.47 36.24
N GLY B 92 -13.86 -6.49 34.94
CA GLY B 92 -15.05 -7.10 34.35
C GLY B 92 -15.66 -6.41 33.15
N GLU B 93 -15.72 -5.05 33.18
CA GLU B 93 -16.31 -4.24 32.11
C GLU B 93 -15.24 -3.69 31.17
N ASP B 94 -14.80 -2.45 31.41
CA ASP B 94 -13.79 -1.68 30.69
C ASP B 94 -12.45 -2.37 30.72
N CYS B 95 -12.15 -3.07 31.85
CA CYS B 95 -10.93 -3.85 32.08
C CYS B 95 -11.44 -5.27 32.21
N PRO B 96 -11.69 -5.93 31.06
CA PRO B 96 -12.32 -7.27 31.10
C PRO B 96 -11.41 -8.37 31.64
N VAL B 97 -12.00 -9.52 31.98
CA VAL B 97 -11.21 -10.69 32.38
C VAL B 97 -10.91 -11.40 31.04
N PHE B 98 -9.62 -11.70 30.75
CA PHE B 98 -9.26 -12.44 29.54
C PHE B 98 -8.20 -13.50 29.81
N ASP B 99 -8.02 -14.51 28.90
CA ASP B 99 -6.99 -15.56 29.07
C ASP B 99 -5.60 -14.93 29.03
N GLY B 100 -4.77 -15.31 30.02
CA GLY B 100 -3.41 -14.78 30.16
C GLY B 100 -3.32 -13.34 30.66
N LEU B 101 -4.40 -12.82 31.29
CA LEU B 101 -4.45 -11.47 31.84
C LEU B 101 -3.20 -11.10 32.66
N PHE B 102 -2.86 -11.94 33.65
CA PHE B 102 -1.74 -11.73 34.54
C PHE B 102 -0.39 -11.68 33.83
N GLU B 103 -0.18 -12.64 32.90
CA GLU B 103 1.01 -12.76 32.06
C GLU B 103 1.19 -11.53 31.21
N PHE B 104 0.09 -10.98 30.64
CA PHE B 104 0.06 -9.72 29.88
C PHE B 104 0.60 -8.56 30.76
N CYS B 105 0.12 -8.48 32.04
CA CYS B 105 0.51 -7.47 33.04
C CYS B 105 1.97 -7.62 33.40
N GLN B 106 2.46 -8.87 33.52
CA GLN B 106 3.85 -9.20 33.85
C GLN B 106 4.82 -8.73 32.76
N LEU B 107 4.49 -8.96 31.48
CA LEU B 107 5.33 -8.57 30.33
C LEU B 107 5.31 -7.04 30.11
N SER B 108 4.13 -6.43 30.22
CA SER B 108 3.96 -4.96 30.13
C SER B 108 4.79 -4.26 31.24
N THR B 109 4.68 -4.73 32.52
CA THR B 109 5.41 -4.17 33.67
C THR B 109 6.92 -4.47 33.58
N GLY B 110 7.26 -5.70 33.19
CA GLY B 110 8.62 -6.20 33.04
C GLY B 110 9.51 -5.32 32.20
N GLY B 111 9.02 -4.90 31.06
CA GLY B 111 9.75 -4.01 30.16
C GLY B 111 10.04 -2.64 30.75
N SER B 112 9.08 -2.09 31.54
CA SER B 112 9.23 -0.76 32.16
C SER B 112 10.23 -0.74 33.27
N VAL B 113 10.13 -1.73 34.19
CA VAL B 113 11.06 -1.91 35.31
C VAL B 113 12.47 -2.22 34.80
N ALA B 114 12.59 -3.11 33.79
CA ALA B 114 13.88 -3.48 33.20
C ALA B 114 14.56 -2.28 32.52
N GLY B 115 13.77 -1.44 31.88
CA GLY B 115 14.23 -0.20 31.27
C GLY B 115 14.79 0.75 32.30
N ALA B 116 14.05 0.93 33.44
CA ALA B 116 14.46 1.76 34.59
C ALA B 116 15.77 1.26 35.19
N VAL B 117 15.91 -0.11 35.33
CA VAL B 117 17.13 -0.77 35.87
C VAL B 117 18.34 -0.44 34.98
N LYS B 118 18.19 -0.54 33.65
CA LYS B 118 19.28 -0.23 32.68
C LYS B 118 19.71 1.22 32.74
N LEU B 119 18.73 2.12 32.91
CA LEU B 119 18.99 3.54 33.00
C LEU B 119 19.74 3.86 34.30
N ASN B 120 19.29 3.23 35.42
CA ASN B 120 19.91 3.34 36.75
C ASN B 120 21.36 2.85 36.71
N ARG B 121 21.59 1.74 35.99
CA ARG B 121 22.92 1.14 35.85
C ARG B 121 23.82 1.87 34.85
N GLN B 122 23.29 2.91 34.16
CA GLN B 122 23.96 3.73 33.13
C GLN B 122 24.47 2.84 31.99
N GLN B 123 23.65 1.82 31.67
CA GLN B 123 23.91 0.85 30.61
C GLN B 123 23.22 1.29 29.32
N THR B 124 22.42 2.39 29.41
CA THR B 124 21.71 2.97 28.27
C THR B 124 21.37 4.42 28.57
N ASP B 125 21.11 5.18 27.51
CA ASP B 125 20.69 6.57 27.61
C ASP B 125 19.15 6.62 27.55
N MET B 126 18.55 5.77 26.69
CA MET B 126 17.13 5.65 26.47
C MET B 126 16.67 4.21 26.52
N ALA B 127 15.49 3.98 27.11
CA ALA B 127 14.90 2.66 27.17
C ALA B 127 13.47 2.79 26.67
N VAL B 128 13.04 1.85 25.81
CA VAL B 128 11.73 1.86 25.18
C VAL B 128 10.91 0.61 25.54
N ASN B 129 9.66 0.81 25.99
CA ASN B 129 8.72 -0.26 26.22
C ASN B 129 7.34 0.17 25.70
N TRP B 130 7.03 -0.17 24.43
CA TRP B 130 5.75 0.20 23.79
C TRP B 130 4.55 -0.52 24.44
N ALA B 131 4.80 -1.64 25.17
CA ALA B 131 3.76 -2.42 25.87
C ALA B 131 3.39 -1.81 27.23
N GLY B 132 4.17 -0.82 27.68
CA GLY B 132 3.95 -0.10 28.92
C GLY B 132 3.16 1.17 28.75
N GLY B 133 3.19 2.04 29.78
CA GLY B 133 2.49 3.32 29.77
C GLY B 133 1.03 3.23 30.21
N LEU B 134 0.72 2.21 31.01
CA LEU B 134 -0.66 1.95 31.46
C LEU B 134 -0.95 2.71 32.74
N HIS B 135 -1.17 4.01 32.55
CA HIS B 135 -1.21 5.11 33.51
C HIS B 135 -2.47 5.21 34.39
N HIS B 136 -3.56 4.46 34.12
CA HIS B 136 -4.76 4.60 34.96
C HIS B 136 -4.82 3.65 36.14
N ALA B 137 -4.07 2.55 36.09
CA ALA B 137 -4.09 1.55 37.18
C ALA B 137 -3.74 2.19 38.55
N LYS B 138 -4.57 1.87 39.54
CA LYS B 138 -4.43 2.33 40.90
C LYS B 138 -3.91 1.20 41.79
N LYS B 139 -3.47 1.57 43.00
CA LYS B 139 -2.97 0.68 44.04
C LYS B 139 -3.79 -0.63 44.13
N SER B 140 -5.14 -0.53 44.17
CA SER B 140 -5.99 -1.72 44.31
C SER B 140 -7.19 -1.65 43.40
N GLU B 141 -6.98 -1.19 42.15
CA GLU B 141 -8.04 -1.03 41.18
C GLU B 141 -7.52 -0.94 39.77
N ALA B 142 -8.17 -1.70 38.85
CA ALA B 142 -7.93 -1.60 37.42
C ALA B 142 -8.79 -0.36 36.95
N SER B 143 -8.32 0.31 35.89
CA SER B 143 -9.03 1.46 35.32
C SER B 143 -8.53 1.67 33.93
N GLY B 144 -9.47 2.06 33.05
CA GLY B 144 -9.22 2.42 31.66
C GLY B 144 -8.26 1.55 30.88
N PHE B 145 -8.54 0.23 30.88
CA PHE B 145 -7.79 -0.85 30.18
C PHE B 145 -6.45 -1.19 30.84
N CYS B 146 -6.09 -0.50 31.95
CA CYS B 146 -4.86 -0.69 32.74
C CYS B 146 -5.19 -1.50 34.00
N TYR B 147 -4.35 -2.50 34.31
CA TYR B 147 -4.49 -3.36 35.50
C TYR B 147 -3.33 -3.12 36.46
N VAL B 148 -2.08 -3.05 35.92
CA VAL B 148 -0.87 -2.84 36.71
C VAL B 148 -0.18 -1.56 36.22
N ASN B 149 0.13 -0.65 37.18
CA ASN B 149 0.74 0.61 36.81
C ASN B 149 2.24 0.45 36.70
N ASP B 150 2.69 0.06 35.49
CA ASP B 150 4.09 -0.19 35.17
C ASP B 150 4.94 1.10 35.32
N ILE B 151 4.31 2.27 35.11
CA ILE B 151 4.94 3.60 35.16
C ILE B 151 5.33 3.91 36.57
N VAL B 152 4.39 3.78 37.50
CA VAL B 152 4.66 3.99 38.94
C VAL B 152 5.79 3.04 39.39
N LEU B 153 5.70 1.76 39.02
CA LEU B 153 6.73 0.77 39.37
C LEU B 153 8.11 1.11 38.79
N ALA B 154 8.17 1.59 37.54
CA ALA B 154 9.43 2.00 36.89
C ALA B 154 9.96 3.32 37.53
N ILE B 155 9.05 4.24 37.91
CA ILE B 155 9.45 5.48 38.57
C ILE B 155 10.03 5.16 39.98
N LEU B 156 9.41 4.22 40.71
CA LEU B 156 9.90 3.78 42.01
C LEU B 156 11.32 3.20 41.89
N GLU B 157 11.62 2.53 40.79
CA GLU B 157 12.94 1.97 40.51
C GLU B 157 13.94 3.10 40.26
N LEU B 158 13.57 4.10 39.45
CA LEU B 158 14.41 5.27 39.16
C LEU B 158 14.72 6.09 40.42
N LEU B 159 13.77 6.15 41.38
CA LEU B 159 13.92 6.86 42.67
C LEU B 159 14.99 6.27 43.57
N LYS B 160 15.45 5.02 43.29
CA LYS B 160 16.54 4.42 44.05
C LYS B 160 17.86 5.19 43.81
N TYR B 161 18.02 5.75 42.60
CA TYR B 161 19.24 6.43 42.16
C TYR B 161 19.05 7.91 41.85
N HIS B 162 17.82 8.33 41.54
CA HIS B 162 17.50 9.70 41.16
C HIS B 162 16.66 10.39 42.22
N GLN B 163 17.16 11.54 42.72
CA GLN B 163 16.47 12.34 43.74
C GLN B 163 15.17 12.94 43.19
N ARG B 164 15.20 13.40 41.93
CA ARG B 164 14.05 13.99 41.24
C ARG B 164 13.82 13.34 39.88
N VAL B 165 12.62 12.78 39.69
CA VAL B 165 12.21 12.15 38.42
C VAL B 165 11.06 12.97 37.81
N LEU B 166 11.16 13.27 36.49
CA LEU B 166 10.09 13.97 35.80
C LEU B 166 9.25 12.97 34.97
N TYR B 167 7.92 13.03 35.14
CA TYR B 167 6.98 12.23 34.37
C TYR B 167 6.22 13.14 33.40
N ILE B 168 6.23 12.80 32.10
CA ILE B 168 5.52 13.55 31.05
C ILE B 168 4.54 12.59 30.38
N ASP B 169 3.29 13.03 30.22
CA ASP B 169 2.22 12.21 29.65
C ASP B 169 1.52 12.93 28.48
N ILE B 170 1.78 12.47 27.23
CA ILE B 170 1.20 13.10 26.03
C ILE B 170 0.00 12.28 25.46
N ASP B 171 -0.48 11.29 26.23
CA ASP B 171 -1.68 10.49 25.92
C ASP B 171 -2.86 11.50 25.92
N ILE B 172 -3.96 11.23 25.23
CA ILE B 172 -5.07 12.19 25.23
C ILE B 172 -5.77 12.24 26.61
N HIS B 173 -5.60 11.20 27.42
CA HIS B 173 -6.23 11.12 28.74
C HIS B 173 -5.24 11.52 29.85
N HIS B 174 -5.78 12.00 30.96
CA HIS B 174 -5.02 12.41 32.12
C HIS B 174 -4.41 11.17 32.76
N GLY B 175 -3.11 11.23 33.06
CA GLY B 175 -2.40 10.15 33.72
C GLY B 175 -2.65 10.19 35.21
N ASP B 176 -3.91 9.92 35.62
CA ASP B 176 -4.39 10.03 37.00
C ASP B 176 -3.72 9.03 37.97
N GLY B 177 -3.43 7.81 37.54
CA GLY B 177 -2.77 6.82 38.37
C GLY B 177 -1.35 7.21 38.78
N VAL B 178 -0.56 7.79 37.84
CA VAL B 178 0.79 8.23 38.16
C VAL B 178 0.69 9.47 39.06
N GLU B 179 -0.16 10.44 38.68
CA GLU B 179 -0.36 11.66 39.43
C GLU B 179 -0.77 11.34 40.89
N GLU B 180 -1.72 10.39 41.10
CA GLU B 180 -2.19 9.96 42.43
C GLU B 180 -1.06 9.35 43.26
N ALA B 181 -0.27 8.46 42.67
CA ALA B 181 0.81 7.83 43.39
C ALA B 181 1.86 8.84 43.94
N PHE B 182 2.13 9.94 43.19
CA PHE B 182 3.17 10.92 43.52
C PHE B 182 2.68 12.33 43.86
N TYR B 183 1.38 12.45 44.13
CA TYR B 183 0.72 13.71 44.43
C TYR B 183 1.28 14.46 45.63
N THR B 184 1.74 13.74 46.67
CA THR B 184 2.23 14.32 47.92
C THR B 184 3.76 14.30 48.07
N THR B 185 4.48 14.08 46.96
CA THR B 185 5.93 14.12 46.93
C THR B 185 6.47 15.09 45.88
N ASP B 186 7.60 15.71 46.20
CA ASP B 186 8.35 16.62 45.34
C ASP B 186 9.46 15.83 44.62
N ARG B 187 9.58 14.54 44.93
CA ARG B 187 10.60 13.67 44.31
C ARG B 187 10.20 13.19 42.90
N VAL B 188 8.91 13.40 42.57
CA VAL B 188 8.33 13.14 41.26
C VAL B 188 7.43 14.32 40.87
N MET B 189 7.73 14.95 39.73
CA MET B 189 6.87 15.97 39.16
C MET B 189 6.16 15.29 37.97
N THR B 190 4.81 15.30 38.00
CA THR B 190 3.98 14.72 36.95
C THR B 190 3.43 15.87 36.08
N VAL B 191 3.67 15.80 34.76
CA VAL B 191 3.21 16.81 33.81
C VAL B 191 2.31 16.10 32.78
N SER B 192 1.01 16.47 32.74
CA SER B 192 0.08 15.82 31.82
C SER B 192 -0.66 16.83 30.95
N PHE B 193 -0.70 16.55 29.62
CA PHE B 193 -1.40 17.30 28.59
C PHE B 193 -2.51 16.36 28.16
N HIS B 194 -3.76 16.80 28.28
CA HIS B 194 -4.90 15.90 28.01
C HIS B 194 -6.16 16.68 27.72
N LYS B 195 -7.14 16.00 27.07
CA LYS B 195 -8.46 16.58 26.87
C LYS B 195 -9.16 16.63 28.26
N TYR B 196 -9.79 17.73 28.55
CA TYR B 196 -10.47 17.91 29.84
C TYR B 196 -11.83 18.51 29.59
N GLY B 197 -12.82 18.03 30.33
CA GLY B 197 -14.20 18.46 30.23
C GLY B 197 -15.09 17.34 29.71
N GLU B 198 -15.86 16.67 30.62
CA GLU B 198 -16.80 15.58 30.28
C GLU B 198 -16.05 14.50 29.45
N TYR B 199 -14.89 14.09 29.96
CA TYR B 199 -14.00 13.14 29.31
C TYR B 199 -13.25 12.35 30.34
N PHE B 200 -13.05 11.04 30.08
CA PHE B 200 -12.35 10.08 30.94
C PHE B 200 -10.90 10.53 31.22
N PRO B 201 -10.38 10.39 32.45
CA PRO B 201 -11.01 9.90 33.68
C PRO B 201 -11.79 10.94 34.50
N GLY B 202 -11.81 12.21 34.04
CA GLY B 202 -12.53 13.31 34.68
C GLY B 202 -11.69 14.10 35.65
N THR B 203 -10.39 13.77 35.72
CA THR B 203 -9.42 14.40 36.60
C THR B 203 -8.45 15.22 35.75
N GLY B 204 -7.48 15.85 36.39
CA GLY B 204 -6.48 16.63 35.67
C GLY B 204 -6.88 18.06 35.42
N ASP B 205 -7.55 18.68 36.41
CA ASP B 205 -7.93 20.09 36.30
C ASP B 205 -6.64 20.93 36.44
N LEU B 206 -6.62 22.13 35.83
CA LEU B 206 -5.53 23.11 35.94
C LEU B 206 -5.15 23.38 37.42
N ARG B 207 -6.16 23.38 38.31
CA ARG B 207 -6.02 23.67 39.73
C ARG B 207 -5.54 22.49 40.57
N ASP B 208 -5.40 21.27 39.96
CA ASP B 208 -4.87 20.08 40.63
C ASP B 208 -3.35 20.19 40.50
N ILE B 209 -2.72 20.71 41.57
CA ILE B 209 -1.30 21.05 41.58
C ILE B 209 -0.45 20.26 42.61
N GLY B 210 -1.03 19.23 43.23
CA GLY B 210 -0.33 18.44 44.25
C GLY B 210 -0.74 18.87 45.64
N ALA B 211 -0.26 18.14 46.66
CA ALA B 211 -0.57 18.46 48.07
C ALA B 211 0.63 18.17 48.99
N GLY B 212 0.71 18.92 50.09
CA GLY B 212 1.76 18.80 51.08
C GLY B 212 3.10 19.14 50.47
N LYS B 213 4.07 18.22 50.65
CA LYS B 213 5.42 18.29 50.09
C LYS B 213 5.36 18.35 48.54
N GLY B 214 4.31 17.76 47.97
CA GLY B 214 4.07 17.69 46.53
C GLY B 214 3.37 18.88 45.90
N LYS B 215 2.97 19.87 46.71
CA LYS B 215 2.26 21.07 46.21
C LYS B 215 3.18 21.82 45.23
N TYR B 216 2.68 22.03 43.98
CA TYR B 216 3.30 22.62 42.78
C TYR B 216 4.13 21.60 41.99
N TYR B 217 4.06 20.30 42.35
CA TYR B 217 4.81 19.26 41.64
C TYR B 217 3.90 18.37 40.78
N ALA B 218 2.65 18.75 40.63
CA ALA B 218 1.71 18.12 39.71
C ALA B 218 1.28 19.26 38.74
N VAL B 219 1.53 19.09 37.44
CA VAL B 219 1.27 20.08 36.38
C VAL B 219 0.27 19.47 35.40
N ASN B 220 -0.84 20.16 35.18
CA ASN B 220 -1.89 19.71 34.27
C ASN B 220 -2.21 20.76 33.23
N PHE B 221 -2.18 20.36 31.93
CA PHE B 221 -2.56 21.25 30.83
C PHE B 221 -3.87 20.71 30.22
N PRO B 222 -5.03 21.19 30.72
CA PRO B 222 -6.31 20.74 30.16
C PRO B 222 -6.53 21.35 28.78
N MET B 223 -7.00 20.54 27.82
CA MET B 223 -7.21 20.93 26.43
C MET B 223 -8.59 20.55 25.94
N ARG B 224 -8.98 21.13 24.80
CA ARG B 224 -10.26 20.91 24.16
C ARG B 224 -10.02 20.13 22.90
N ASP B 225 -11.12 19.78 22.20
CA ASP B 225 -11.12 19.02 20.95
C ASP B 225 -10.37 19.73 19.86
N GLY B 226 -9.77 18.93 19.00
CA GLY B 226 -9.12 19.36 17.78
C GLY B 226 -7.80 20.07 17.83
N ILE B 227 -7.03 19.88 18.89
CA ILE B 227 -5.71 20.50 18.93
C ILE B 227 -4.84 19.99 17.76
N ASP B 228 -4.17 20.91 17.08
CA ASP B 228 -3.28 20.56 15.97
C ASP B 228 -1.81 20.62 16.40
N ASP B 229 -0.89 20.24 15.51
CA ASP B 229 0.56 20.20 15.74
C ASP B 229 1.15 21.52 16.18
N GLU B 230 0.76 22.60 15.52
CA GLU B 230 1.23 23.96 15.74
C GLU B 230 0.86 24.46 17.14
N SER B 231 -0.42 24.33 17.55
CA SER B 231 -0.89 24.75 18.89
C SER B 231 -0.21 23.92 19.98
N TYR B 232 -0.12 22.59 19.78
CA TYR B 232 0.51 21.69 20.74
C TYR B 232 2.01 21.99 20.95
N GLY B 233 2.76 22.11 19.86
CA GLY B 233 4.19 22.40 19.90
C GLY B 233 4.56 23.73 20.53
N GLN B 234 3.70 24.75 20.32
CA GLN B 234 3.86 26.09 20.85
C GLN B 234 3.69 26.16 22.36
N ILE B 235 3.05 25.15 22.95
CA ILE B 235 2.91 25.16 24.41
C ILE B 235 3.79 24.09 25.06
N PHE B 236 4.05 22.97 24.34
CA PHE B 236 4.84 21.85 24.87
C PHE B 236 6.30 22.22 25.17
N LYS B 237 7.05 22.74 24.17
CA LYS B 237 8.46 23.13 24.34
C LYS B 237 8.62 24.20 25.45
N PRO B 238 7.83 25.32 25.52
CA PRO B 238 8.01 26.27 26.63
C PRO B 238 7.70 25.70 28.03
N ILE B 239 6.63 24.88 28.18
CA ILE B 239 6.26 24.26 29.48
C ILE B 239 7.39 23.32 29.97
N ILE B 240 7.86 22.40 29.10
CA ILE B 240 8.89 21.42 29.45
C ILE B 240 10.22 22.14 29.76
N SER B 241 10.57 23.18 29.01
CA SER B 241 11.79 23.98 29.24
C SER B 241 11.76 24.65 30.61
N LYS B 242 10.60 25.23 30.98
CA LYS B 242 10.43 25.88 32.29
C LYS B 242 10.47 24.85 33.42
N VAL B 243 9.85 23.67 33.18
CA VAL B 243 9.84 22.56 34.14
C VAL B 243 11.29 22.09 34.35
N MET B 244 12.07 21.95 33.27
CA MET B 244 13.46 21.50 33.33
C MET B 244 14.35 22.47 34.11
N GLU B 245 14.14 23.78 33.88
CA GLU B 245 14.85 24.88 34.51
C GLU B 245 14.52 24.95 36.00
N MET B 246 13.23 24.86 36.36
CA MET B 246 12.77 24.97 37.75
C MET B 246 12.92 23.70 38.57
N TYR B 247 12.63 22.55 37.98
CA TYR B 247 12.64 21.27 38.68
C TYR B 247 13.97 20.55 38.63
N GLN B 248 14.74 20.74 37.52
CA GLN B 248 16.06 20.13 37.31
C GLN B 248 16.08 18.62 37.66
N PRO B 249 15.24 17.79 36.98
CA PRO B 249 15.24 16.35 37.28
C PRO B 249 16.51 15.66 36.78
N SER B 250 16.82 14.47 37.32
CA SER B 250 17.97 13.70 36.83
C SER B 250 17.56 12.53 35.89
N ALA B 251 16.25 12.27 35.76
CA ALA B 251 15.70 11.23 34.89
C ALA B 251 14.31 11.61 34.44
N VAL B 252 13.89 11.13 33.24
CA VAL B 252 12.59 11.44 32.65
C VAL B 252 11.86 10.17 32.17
N VAL B 253 10.52 10.12 32.42
CA VAL B 253 9.62 9.09 31.95
C VAL B 253 8.61 9.78 31.05
N LEU B 254 8.60 9.41 29.74
CA LEU B 254 7.70 9.97 28.74
C LEU B 254 6.71 8.90 28.27
N GLN B 255 5.42 9.10 28.62
CA GLN B 255 4.32 8.23 28.23
C GLN B 255 3.81 8.80 26.91
N CYS B 256 3.94 8.02 25.83
CA CYS B 256 3.63 8.40 24.46
C CYS B 256 2.31 7.85 23.92
N GLY B 257 1.24 7.82 24.74
CA GLY B 257 -0.08 7.38 24.29
C GLY B 257 -0.44 8.04 22.95
N ALA B 258 -0.64 7.19 21.91
CA ALA B 258 -0.93 7.60 20.54
C ALA B 258 -2.42 7.88 20.28
N ASP B 259 -3.27 7.89 21.32
CA ASP B 259 -4.69 8.27 21.18
C ASP B 259 -4.90 9.82 21.05
N SER B 260 -3.79 10.58 21.08
CA SER B 260 -3.77 12.04 20.90
C SER B 260 -3.56 12.36 19.40
N LEU B 261 -3.48 11.30 18.55
CA LEU B 261 -3.35 11.47 17.10
C LEU B 261 -4.72 11.70 16.47
N SER B 262 -4.72 12.43 15.35
CA SER B 262 -5.88 12.66 14.49
C SER B 262 -6.39 11.27 14.04
N GLY B 263 -7.71 11.09 14.06
CA GLY B 263 -8.36 9.87 13.60
C GLY B 263 -8.40 8.73 14.60
N ASP B 264 -8.02 8.97 15.86
CA ASP B 264 -8.07 7.91 16.87
C ASP B 264 -9.52 7.55 17.17
N ARG B 265 -9.83 6.23 17.29
CA ARG B 265 -11.19 5.75 17.57
C ARG B 265 -11.79 6.39 18.84
N LEU B 266 -11.00 6.57 19.92
CA LEU B 266 -11.50 7.13 21.18
C LEU B 266 -11.06 8.59 21.45
N GLY B 267 -10.08 9.08 20.69
CA GLY B 267 -9.53 10.42 20.82
C GLY B 267 -10.23 11.49 20.01
N CYS B 268 -10.09 12.76 20.44
CA CYS B 268 -10.69 13.98 19.86
C CYS B 268 -9.63 14.99 19.41
N PHE B 269 -8.36 14.63 19.39
CA PHE B 269 -7.28 15.55 19.01
C PHE B 269 -7.01 15.45 17.50
N ASN B 270 -6.16 16.33 16.97
CA ASN B 270 -5.85 16.40 15.55
C ASN B 270 -4.34 16.50 15.28
N LEU B 271 -3.56 15.80 16.07
CA LEU B 271 -2.11 15.77 15.91
C LEU B 271 -1.74 14.79 14.84
N THR B 272 -0.61 15.06 14.18
CA THR B 272 -0.07 14.13 13.20
C THR B 272 1.05 13.34 13.94
N VAL B 273 1.64 12.33 13.31
CA VAL B 273 2.75 11.55 13.88
C VAL B 273 3.95 12.52 14.15
N LYS B 274 4.21 13.46 13.22
CA LYS B 274 5.25 14.49 13.33
C LYS B 274 5.08 15.39 14.57
N GLY B 275 3.85 15.81 14.81
CA GLY B 275 3.48 16.67 15.95
C GLY B 275 3.63 15.97 17.29
N HIS B 276 3.24 14.68 17.33
CA HIS B 276 3.37 13.79 18.50
C HIS B 276 4.87 13.57 18.79
N ALA B 277 5.65 13.19 17.75
CA ALA B 277 7.09 12.90 17.86
C ALA B 277 7.97 14.08 18.23
N LYS B 278 7.49 15.31 17.99
CA LYS B 278 8.21 16.53 18.34
C LYS B 278 8.42 16.60 19.87
N CYS B 279 7.47 16.03 20.63
CA CYS B 279 7.53 15.88 22.08
C CYS B 279 8.74 15.05 22.51
N VAL B 280 9.02 13.95 21.77
CA VAL B 280 10.17 13.07 22.01
C VAL B 280 11.46 13.87 21.72
N GLU B 281 11.50 14.59 20.56
CA GLU B 281 12.62 15.42 20.12
C GLU B 281 12.99 16.48 21.17
N VAL B 282 11.97 17.14 21.73
CA VAL B 282 12.11 18.22 22.75
C VAL B 282 12.66 17.64 24.07
N VAL B 283 12.15 16.46 24.49
CA VAL B 283 12.60 15.86 25.74
C VAL B 283 14.04 15.34 25.60
N LYS B 284 14.41 14.85 24.40
CA LYS B 284 15.76 14.36 24.09
C LYS B 284 16.85 15.46 24.19
N THR B 285 16.53 16.72 23.83
CA THR B 285 17.48 17.85 23.84
C THR B 285 18.08 18.15 25.23
N PHE B 286 17.42 17.70 26.30
CA PHE B 286 17.87 17.91 27.69
C PHE B 286 18.95 16.92 28.14
N ASN B 287 19.18 15.85 27.34
CA ASN B 287 20.21 14.81 27.54
C ASN B 287 20.09 14.11 28.89
N LEU B 288 18.87 13.73 29.28
CA LEU B 288 18.65 13.07 30.56
C LEU B 288 18.26 11.62 30.32
N PRO B 289 18.63 10.66 31.23
CA PRO B 289 18.19 9.27 31.04
C PRO B 289 16.68 9.27 30.82
N LEU B 290 16.24 8.60 29.73
CA LEU B 290 14.84 8.66 29.31
C LEU B 290 14.19 7.30 29.12
N LEU B 291 13.02 7.13 29.73
CA LEU B 291 12.21 5.93 29.57
C LEU B 291 10.98 6.33 28.76
N MET B 292 10.86 5.79 27.53
CA MET B 292 9.74 6.02 26.62
C MET B 292 8.77 4.85 26.71
N LEU B 293 7.48 5.16 26.92
CA LEU B 293 6.46 4.13 27.13
C LEU B 293 5.28 4.34 26.23
N GLY B 294 4.50 3.27 26.01
CA GLY B 294 3.30 3.37 25.17
C GLY B 294 2.13 3.98 25.90
N GLY B 295 0.94 3.41 25.80
CA GLY B 295 -0.26 3.91 26.48
C GLY B 295 -1.47 3.62 25.61
N GLY B 296 -2.36 4.62 25.46
CA GLY B 296 -3.52 4.53 24.58
C GLY B 296 -3.15 4.60 23.10
N GLY B 297 -4.16 4.42 22.24
CA GLY B 297 -4.04 4.39 20.78
C GLY B 297 -4.92 3.27 20.23
N TYR B 298 -5.95 3.63 19.48
CA TYR B 298 -7.04 2.72 19.10
C TYR B 298 -7.34 2.62 17.59
N THR B 299 -6.57 3.36 16.75
CA THR B 299 -6.60 3.24 15.28
C THR B 299 -5.19 2.68 15.12
N ILE B 300 -5.11 1.35 15.13
CA ILE B 300 -3.85 0.63 15.33
C ILE B 300 -2.81 0.83 14.19
N ARG B 301 -3.24 1.08 12.96
CA ARG B 301 -2.31 1.41 11.86
C ARG B 301 -1.53 2.73 12.23
N ASN B 302 -2.20 3.69 12.88
CA ASN B 302 -1.60 4.98 13.31
C ASN B 302 -0.74 4.87 14.55
N VAL B 303 -1.06 3.93 15.44
CA VAL B 303 -0.26 3.61 16.63
C VAL B 303 1.10 3.04 16.14
N ALA B 304 1.05 2.09 15.21
CA ALA B 304 2.21 1.43 14.62
C ALA B 304 3.10 2.48 13.95
N ARG B 305 2.52 3.42 13.17
CA ARG B 305 3.24 4.51 12.52
C ARG B 305 3.92 5.44 13.54
N CYS B 306 3.14 5.88 14.57
CA CYS B 306 3.59 6.77 15.67
C CYS B 306 4.80 6.22 16.42
N TRP B 307 4.65 4.99 16.96
CA TRP B 307 5.67 4.40 17.78
C TRP B 307 6.90 3.99 16.98
N THR B 308 6.75 3.66 15.69
CA THR B 308 7.89 3.38 14.80
C THR B 308 8.72 4.64 14.62
N TYR B 309 8.04 5.75 14.26
CA TYR B 309 8.68 7.04 14.04
C TYR B 309 9.33 7.60 15.33
N GLU B 310 8.67 7.42 16.49
CA GLU B 310 9.25 7.89 17.75
C GLU B 310 10.50 7.09 18.18
N THR B 311 10.54 5.77 17.81
CA THR B 311 11.73 4.92 18.04
C THR B 311 12.88 5.46 17.13
N ALA B 312 12.55 5.82 15.87
CA ALA B 312 13.50 6.41 14.89
C ALA B 312 14.01 7.74 15.47
N VAL B 313 13.09 8.51 16.09
CA VAL B 313 13.47 9.79 16.69
C VAL B 313 14.46 9.56 17.82
N ALA B 314 14.18 8.56 18.72
CA ALA B 314 15.07 8.18 19.82
C ALA B 314 16.48 7.85 19.29
N LEU B 315 16.53 7.19 18.14
CA LEU B 315 17.73 6.77 17.45
C LEU B 315 18.39 7.86 16.61
N ASP B 316 17.83 9.11 16.57
CA ASP B 316 18.27 10.28 15.77
C ASP B 316 18.36 9.90 14.29
N CYS B 317 17.40 9.09 13.88
CA CYS B 317 17.27 8.42 12.61
C CYS B 317 16.03 8.97 11.90
N GLU B 318 16.22 9.45 10.67
CA GLU B 318 15.09 9.90 9.86
C GLU B 318 14.80 8.72 8.90
N ILE B 319 13.56 8.26 8.87
CA ILE B 319 13.17 7.12 8.03
C ILE B 319 12.26 7.65 6.93
N PRO B 320 12.20 6.99 5.74
CA PRO B 320 11.34 7.52 4.68
C PRO B 320 9.84 7.40 4.95
N ASN B 321 9.06 8.29 4.30
CA ASN B 321 7.61 8.31 4.39
C ASN B 321 6.99 7.09 3.68
N GLU B 322 7.65 6.60 2.62
CA GLU B 322 7.21 5.42 1.88
C GLU B 322 7.47 4.19 2.79
N LEU B 323 6.39 3.52 3.22
CA LEU B 323 6.48 2.36 4.11
C LEU B 323 7.15 1.17 3.44
N PRO B 324 8.02 0.45 4.18
CA PRO B 324 8.60 -0.78 3.60
C PRO B 324 7.53 -1.88 3.64
N TYR B 325 7.71 -2.92 2.81
CA TYR B 325 6.81 -4.06 2.89
C TYR B 325 6.96 -4.71 4.28
N ASN B 326 5.85 -5.19 4.83
CA ASN B 326 5.82 -5.80 6.16
C ASN B 326 4.65 -6.79 6.23
N ASP B 327 4.54 -7.53 7.34
CA ASP B 327 3.49 -8.53 7.56
C ASP B 327 2.08 -7.98 7.70
N TYR B 328 1.94 -6.64 7.90
CA TYR B 328 0.67 -5.95 8.12
C TYR B 328 0.48 -4.82 7.11
N PHE B 329 1.15 -4.92 5.93
CA PHE B 329 1.16 -3.92 4.86
C PHE B 329 -0.23 -3.41 4.46
N GLU B 330 -1.23 -4.33 4.34
CA GLU B 330 -2.62 -4.00 3.98
C GLU B 330 -3.34 -3.06 5.01
N TYR B 331 -2.89 -3.06 6.28
CA TYR B 331 -3.45 -2.22 7.35
C TYR B 331 -3.16 -0.73 7.11
N PHE B 332 -2.09 -0.44 6.34
CA PHE B 332 -1.61 0.92 6.09
C PHE B 332 -2.15 1.56 4.79
N GLY B 333 -3.16 0.93 4.21
CA GLY B 333 -3.86 1.48 3.06
C GLY B 333 -4.68 2.70 3.46
N PRO B 334 -5.11 3.57 2.52
CA PRO B 334 -4.92 3.48 1.06
C PRO B 334 -3.60 4.09 0.58
N ASP B 335 -2.93 4.84 1.45
CA ASP B 335 -1.73 5.62 1.13
C ASP B 335 -0.42 4.87 1.27
N PHE B 336 -0.28 3.99 2.29
CA PHE B 336 0.94 3.21 2.59
C PHE B 336 2.13 4.12 2.92
N LYS B 337 1.84 5.23 3.63
CA LYS B 337 2.82 6.21 4.09
C LYS B 337 2.96 6.12 5.59
N LEU B 338 4.14 6.48 6.08
CA LEU B 338 4.41 6.53 7.50
C LEU B 338 3.66 7.67 8.18
N HIS B 339 3.69 8.88 7.58
CA HIS B 339 3.08 10.07 8.14
C HIS B 339 1.62 10.19 7.81
N ILE B 340 0.87 10.86 8.69
CA ILE B 340 -0.59 11.01 8.56
C ILE B 340 -0.95 12.47 8.34
N SER B 341 -2.16 12.68 7.82
CA SER B 341 -2.71 13.99 7.53
C SER B 341 -3.76 14.36 8.56
N PRO B 342 -3.84 15.64 8.97
CA PRO B 342 -4.87 16.02 9.96
C PRO B 342 -6.26 16.07 9.30
N SER B 343 -7.33 16.02 10.11
CA SER B 343 -8.69 16.13 9.59
C SER B 343 -9.14 17.61 9.53
N ASN B 344 -10.37 17.85 9.04
CA ASN B 344 -10.98 19.18 8.91
C ASN B 344 -11.60 19.69 10.22
N MET B 345 -11.50 18.90 11.32
CA MET B 345 -12.10 19.24 12.60
C MET B 345 -11.64 20.58 13.16
N THR B 346 -12.58 21.30 13.78
CA THR B 346 -12.30 22.59 14.41
C THR B 346 -11.44 22.39 15.65
N ASN B 347 -10.41 23.25 15.76
CA ASN B 347 -9.54 23.30 16.91
C ASN B 347 -10.26 24.21 17.91
N GLN B 348 -10.81 23.62 19.00
CA GLN B 348 -11.55 24.37 20.02
C GLN B 348 -10.59 25.14 20.97
N ASN B 349 -9.27 24.88 20.88
CA ASN B 349 -8.26 25.54 21.70
C ASN B 349 -7.78 26.77 20.96
N THR B 350 -8.26 27.94 21.35
CA THR B 350 -7.83 29.15 20.69
C THR B 350 -6.38 29.49 21.09
N PRO B 351 -5.65 30.34 20.30
CA PRO B 351 -4.31 30.78 20.71
C PRO B 351 -4.31 31.50 22.06
N GLU B 352 -5.38 32.25 22.37
CA GLU B 352 -5.51 33.00 23.66
C GLU B 352 -5.70 32.01 24.82
N TYR B 353 -6.53 30.95 24.61
CA TYR B 353 -6.75 29.91 25.61
C TYR B 353 -5.43 29.21 25.91
N MET B 354 -4.67 28.85 24.84
CA MET B 354 -3.37 28.17 24.93
C MET B 354 -2.38 28.99 25.75
N GLU B 355 -2.30 30.32 25.46
CA GLU B 355 -1.43 31.29 26.13
C GLU B 355 -1.83 31.53 27.57
N LYS B 356 -3.14 31.66 27.84
CA LYS B 356 -3.65 31.90 29.19
C LYS B 356 -3.36 30.70 30.13
N ILE B 357 -3.60 29.47 29.65
CA ILE B 357 -3.34 28.25 30.43
C ILE B 357 -1.85 28.12 30.68
N LYS B 358 -1.01 28.35 29.64
CA LYS B 358 0.45 28.31 29.73
C LYS B 358 0.96 29.32 30.77
N GLN B 359 0.35 30.52 30.83
CA GLN B 359 0.73 31.56 31.79
C GLN B 359 0.38 31.19 33.23
N ARG B 360 -0.75 30.50 33.45
CA ARG B 360 -1.18 30.06 34.78
C ARG B 360 -0.26 28.95 35.29
N LEU B 361 0.27 28.11 34.39
CA LEU B 361 1.22 27.05 34.72
C LEU B 361 2.58 27.65 35.05
N PHE B 362 2.97 28.69 34.31
CA PHE B 362 4.22 29.42 34.51
C PHE B 362 4.25 30.08 35.88
N GLU B 363 3.11 30.63 36.35
CA GLU B 363 2.95 31.24 37.69
C GLU B 363 3.16 30.16 38.77
N ASN B 364 2.61 28.93 38.55
CA ASN B 364 2.76 27.80 39.47
C ASN B 364 4.20 27.28 39.51
N LEU B 365 4.90 27.32 38.34
CA LEU B 365 6.28 26.87 38.23
C LEU B 365 7.26 27.79 38.94
N ARG B 366 6.90 29.10 39.05
CA ARG B 366 7.68 30.13 39.73
C ARG B 366 7.65 29.93 41.25
N MET B 367 6.62 29.19 41.76
CA MET B 367 6.44 28.85 43.17
C MET B 367 7.47 27.80 43.63
N LEU B 368 8.16 27.15 42.68
CA LEU B 368 9.22 26.17 42.97
C LEU B 368 10.47 26.93 43.48
N PRO B 369 11.12 26.44 44.56
CA PRO B 369 12.28 27.17 45.10
C PRO B 369 13.52 27.16 44.17
N LYS C 4 -19.75 35.09 -8.39
CA LYS C 4 -18.88 34.17 -7.62
C LYS C 4 -17.45 34.67 -7.47
N LYS C 5 -16.84 34.39 -6.31
CA LYS C 5 -15.47 34.79 -5.98
C LYS C 5 -14.47 33.87 -6.69
N VAL C 6 -13.45 34.48 -7.33
CA VAL C 6 -12.38 33.79 -8.08
C VAL C 6 -10.99 34.19 -7.54
N CYS C 7 -10.19 33.20 -7.13
CA CYS C 7 -8.80 33.37 -6.66
C CYS C 7 -7.88 32.76 -7.70
N TYR C 8 -6.94 33.54 -8.21
CA TYR C 8 -6.05 33.13 -9.29
C TYR C 8 -4.58 33.11 -8.79
N TYR C 9 -3.85 32.03 -9.11
CA TYR C 9 -2.46 31.83 -8.67
C TYR C 9 -1.50 31.98 -9.79
N TYR C 10 -0.47 32.81 -9.56
CA TYR C 10 0.54 33.06 -10.58
C TYR C 10 1.84 33.48 -9.94
N ASP C 11 2.95 32.91 -10.40
CA ASP C 11 4.27 33.33 -9.94
C ASP C 11 5.00 33.91 -11.15
N GLY C 12 5.50 35.13 -10.98
CA GLY C 12 6.22 35.85 -12.03
C GLY C 12 7.45 35.15 -12.61
N ASP C 13 7.99 34.15 -11.89
CA ASP C 13 9.18 33.40 -12.32
C ASP C 13 8.84 32.20 -13.21
N ILE C 14 7.59 31.70 -13.16
CA ILE C 14 7.13 30.50 -13.88
C ILE C 14 7.50 30.49 -15.38
N GLY C 15 7.39 31.64 -16.05
CA GLY C 15 7.69 31.79 -17.48
C GLY C 15 9.16 31.68 -17.85
N ASN C 16 10.06 31.65 -16.84
CA ASN C 16 11.51 31.57 -17.04
C ASN C 16 12.06 30.14 -17.07
N TYR C 17 11.24 29.15 -16.69
CA TYR C 17 11.64 27.75 -16.71
C TYR C 17 11.60 27.25 -18.15
N TYR C 18 12.71 26.65 -18.59
CA TYR C 18 12.92 26.20 -19.96
C TYR C 18 13.22 24.72 -20.01
N TYR C 19 12.38 23.95 -20.74
CA TYR C 19 12.52 22.51 -20.93
C TYR C 19 13.68 22.13 -21.88
N GLY C 20 14.21 23.11 -22.62
CA GLY C 20 15.28 22.88 -23.57
C GLY C 20 14.88 23.17 -25.00
N GLN C 21 15.91 23.39 -25.85
CA GLN C 21 15.79 23.70 -27.28
C GLN C 21 14.95 22.66 -28.02
N GLY C 22 13.89 23.14 -28.67
CA GLY C 22 12.99 22.31 -29.45
C GLY C 22 11.88 21.63 -28.68
N HIS C 23 11.97 21.56 -27.32
CA HIS C 23 10.94 20.90 -26.50
C HIS C 23 9.59 21.65 -26.61
N PRO C 24 8.47 20.94 -26.91
CA PRO C 24 7.17 21.62 -27.09
C PRO C 24 6.55 22.26 -25.84
N MET C 25 6.90 21.74 -24.62
CA MET C 25 6.37 22.30 -23.37
C MET C 25 7.07 23.62 -23.05
N LYS C 26 6.31 24.72 -23.10
CA LYS C 26 6.84 26.05 -22.91
C LYS C 26 6.15 26.80 -21.75
N PRO C 27 6.74 26.77 -20.51
CA PRO C 27 6.15 27.51 -19.37
C PRO C 27 5.85 29.00 -19.60
N HIS C 28 6.50 29.65 -20.60
CA HIS C 28 6.30 31.03 -21.05
C HIS C 28 4.83 31.32 -21.43
N ARG C 29 4.10 30.29 -21.92
CA ARG C 29 2.68 30.34 -22.29
C ARG C 29 1.80 30.79 -21.11
N ILE C 30 2.22 30.52 -19.84
CA ILE C 30 1.50 30.90 -18.60
C ILE C 30 1.68 32.41 -18.38
N ARG C 31 2.87 32.92 -18.72
CA ARG C 31 3.18 34.36 -18.66
C ARG C 31 2.37 35.10 -19.74
N MET C 32 2.31 34.53 -20.96
CA MET C 32 1.51 35.04 -22.06
C MET C 32 0.04 35.11 -21.67
N THR C 33 -0.48 34.05 -21.01
CA THR C 33 -1.87 34.00 -20.53
C THR C 33 -2.09 35.14 -19.53
N HIS C 34 -1.22 35.20 -18.48
CA HIS C 34 -1.26 36.20 -17.42
C HIS C 34 -1.28 37.61 -17.98
N ASN C 35 -0.37 37.92 -18.92
CA ASN C 35 -0.24 39.22 -19.54
C ASN C 35 -1.47 39.62 -20.34
N LEU C 36 -2.00 38.70 -21.15
CA LEU C 36 -3.21 38.93 -21.94
C LEU C 36 -4.44 39.21 -21.04
N LEU C 37 -4.66 38.41 -19.95
CA LEU C 37 -5.79 38.62 -19.03
C LEU C 37 -5.67 39.91 -18.22
N LEU C 38 -4.42 40.33 -17.89
CA LEU C 38 -4.22 41.59 -17.19
C LEU C 38 -4.62 42.74 -18.13
N ASN C 39 -4.25 42.64 -19.42
CA ASN C 39 -4.56 43.65 -20.42
C ASN C 39 -6.04 43.71 -20.79
N TYR C 40 -6.82 42.65 -20.52
CA TYR C 40 -8.28 42.65 -20.68
C TYR C 40 -8.91 43.32 -19.43
N GLY C 41 -8.11 43.51 -18.38
CA GLY C 41 -8.52 44.13 -17.13
C GLY C 41 -9.22 43.17 -16.17
N LEU C 42 -9.04 41.86 -16.38
CA LEU C 42 -9.68 40.82 -15.57
C LEU C 42 -9.16 40.76 -14.12
N TYR C 43 -7.99 41.37 -13.84
CA TYR C 43 -7.42 41.49 -12.50
C TYR C 43 -8.35 42.31 -11.55
N ARG C 44 -9.21 43.18 -12.13
CA ARG C 44 -10.16 44.01 -11.38
C ARG C 44 -11.25 43.15 -10.74
N LYS C 45 -11.60 42.03 -11.39
CA LYS C 45 -12.68 41.13 -10.97
C LYS C 45 -12.22 39.93 -10.15
N MET C 46 -10.91 39.70 -10.03
CA MET C 46 -10.41 38.55 -9.25
C MET C 46 -9.26 38.87 -8.31
N GLU C 47 -9.03 38.00 -7.33
CA GLU C 47 -7.93 38.12 -6.39
C GLU C 47 -6.74 37.35 -6.95
N ILE C 48 -5.61 38.03 -7.10
CA ILE C 48 -4.38 37.44 -7.64
C ILE C 48 -3.41 37.15 -6.51
N TYR C 49 -3.02 35.89 -6.36
CA TYR C 49 -2.08 35.45 -5.34
C TYR C 49 -0.83 34.87 -5.95
N ARG C 50 0.28 35.00 -5.22
CA ARG C 50 1.53 34.37 -5.61
C ARG C 50 1.53 33.01 -4.89
N PRO C 51 1.73 31.86 -5.59
CA PRO C 51 1.74 30.58 -4.86
C PRO C 51 2.92 30.43 -3.90
N HIS C 52 2.76 29.62 -2.84
CA HIS C 52 3.82 29.18 -1.91
C HIS C 52 4.60 28.02 -2.63
N LYS C 53 5.96 27.94 -2.57
CA LYS C 53 6.72 26.83 -3.18
C LYS C 53 6.41 25.60 -2.37
N ALA C 54 5.61 24.64 -2.93
CA ALA C 54 5.28 23.41 -2.22
C ALA C 54 6.58 22.69 -1.78
N THR C 55 6.64 22.23 -0.54
CA THR C 55 7.87 21.59 -0.08
C THR C 55 7.98 20.13 -0.56
N ALA C 56 9.21 19.58 -0.52
CA ALA C 56 9.51 18.20 -0.85
C ALA C 56 8.71 17.26 0.05
N GLU C 57 8.39 17.71 1.30
CA GLU C 57 7.61 16.98 2.31
C GLU C 57 6.18 16.81 1.88
N GLU C 58 5.56 17.91 1.41
CA GLU C 58 4.20 17.98 0.89
C GLU C 58 4.03 17.05 -0.30
N MET C 59 5.05 16.99 -1.17
CA MET C 59 5.07 16.13 -2.35
C MET C 59 5.05 14.66 -1.97
N THR C 60 5.73 14.30 -0.87
CA THR C 60 5.78 12.90 -0.41
C THR C 60 4.45 12.43 0.27
N LYS C 61 3.36 13.25 0.24
CA LYS C 61 2.02 12.83 0.69
C LYS C 61 1.48 11.85 -0.34
N TYR C 62 1.98 11.96 -1.59
CA TYR C 62 1.64 11.07 -2.69
C TYR C 62 2.88 10.38 -3.25
N HIS C 63 3.89 11.16 -3.70
CA HIS C 63 5.11 10.63 -4.32
C HIS C 63 6.07 9.95 -3.37
N SER C 64 6.80 8.96 -3.87
CA SER C 64 7.81 8.27 -3.08
C SER C 64 8.99 9.22 -2.80
N ASP C 65 9.63 9.00 -1.65
CA ASP C 65 10.76 9.75 -1.10
C ASP C 65 11.95 9.76 -2.03
N GLU C 66 12.33 8.57 -2.58
CA GLU C 66 13.47 8.37 -3.49
C GLU C 66 13.29 9.18 -4.76
N TYR C 67 12.05 9.24 -5.26
CA TYR C 67 11.71 9.99 -6.45
C TYR C 67 11.84 11.51 -6.22
N ILE C 68 11.25 12.02 -5.11
CA ILE C 68 11.30 13.45 -4.75
C ILE C 68 12.74 13.89 -4.41
N LYS C 69 13.53 13.04 -3.72
CA LYS C 69 14.96 13.30 -3.39
C LYS C 69 15.77 13.45 -4.67
N PHE C 70 15.53 12.56 -5.67
CA PHE C 70 16.13 12.59 -6.99
C PHE C 70 15.80 13.92 -7.71
N LEU C 71 14.49 14.32 -7.76
CA LEU C 71 14.02 15.56 -8.42
C LEU C 71 14.68 16.81 -7.84
N ARG C 72 14.93 16.77 -6.53
CA ARG C 72 15.58 17.84 -5.78
C ARG C 72 17.09 17.89 -6.09
N SER C 73 17.69 16.74 -6.46
CA SER C 73 19.13 16.55 -6.69
C SER C 73 19.62 16.64 -8.15
N ILE C 74 18.84 16.08 -9.10
CA ILE C 74 19.19 16.03 -10.52
C ILE C 74 19.39 17.45 -11.12
N ARG C 75 20.52 17.62 -11.82
CA ARG C 75 20.91 18.87 -12.49
C ARG C 75 21.50 18.52 -13.85
N PRO C 76 21.46 19.41 -14.87
CA PRO C 76 22.08 19.07 -16.17
C PRO C 76 23.58 18.75 -16.10
N ASP C 77 24.28 19.25 -15.05
CA ASP C 77 25.72 19.03 -14.83
C ASP C 77 26.06 17.73 -14.08
N ASN C 78 25.07 16.98 -13.56
CA ASN C 78 25.34 15.73 -12.82
C ASN C 78 24.60 14.49 -13.35
N MET C 79 23.98 14.60 -14.55
CA MET C 79 23.20 13.54 -15.20
C MET C 79 23.91 12.18 -15.34
N SER C 80 25.22 12.21 -15.67
CA SER C 80 26.06 11.01 -15.85
C SER C 80 26.14 10.16 -14.57
N GLU C 81 26.13 10.82 -13.39
CA GLU C 81 26.20 10.22 -12.06
C GLU C 81 24.86 9.63 -11.60
N TYR C 82 23.74 10.06 -12.22
CA TYR C 82 22.37 9.61 -11.90
C TYR C 82 21.73 8.73 -13.00
N SER C 83 22.54 8.23 -13.95
CA SER C 83 22.14 7.41 -15.12
C SER C 83 21.06 6.33 -14.82
N LYS C 84 21.27 5.48 -13.80
CA LYS C 84 20.34 4.40 -13.44
C LYS C 84 19.05 4.94 -12.84
N GLN C 85 19.16 5.99 -12.01
CA GLN C 85 18.03 6.67 -11.36
C GLN C 85 17.15 7.34 -12.41
N MET C 86 17.77 7.91 -13.47
CA MET C 86 17.06 8.53 -14.59
C MET C 86 16.21 7.50 -15.35
N GLN C 87 16.73 6.26 -15.52
CA GLN C 87 16.02 5.14 -16.15
C GLN C 87 14.86 4.69 -15.25
N ARG C 88 15.11 4.61 -13.94
CA ARG C 88 14.17 4.21 -12.90
C ARG C 88 12.95 5.15 -12.83
N PHE C 89 13.22 6.47 -12.78
CA PHE C 89 12.26 7.55 -12.62
C PHE C 89 11.77 8.19 -13.93
N ASN C 90 12.18 7.62 -15.10
CA ASN C 90 11.80 8.05 -16.45
C ASN C 90 12.06 9.56 -16.70
N VAL C 91 13.22 10.05 -16.26
CA VAL C 91 13.65 11.44 -16.39
C VAL C 91 14.87 11.50 -17.32
N GLY C 92 14.88 12.46 -18.25
CA GLY C 92 15.99 12.66 -19.17
C GLY C 92 15.68 12.98 -20.63
N GLU C 93 14.69 12.27 -21.19
CA GLU C 93 14.27 12.41 -22.59
C GLU C 93 13.06 13.32 -22.73
N ASP C 94 11.84 12.73 -22.79
CA ASP C 94 10.54 13.39 -22.90
C ASP C 94 10.30 14.38 -21.74
N CYS C 95 10.71 13.96 -20.52
CA CYS C 95 10.68 14.77 -19.31
C CYS C 95 12.15 15.08 -19.07
N PRO C 96 12.69 16.16 -19.69
CA PRO C 96 14.12 16.44 -19.54
C PRO C 96 14.56 16.96 -18.19
N VAL C 97 15.86 16.95 -18.00
CA VAL C 97 16.49 17.55 -16.84
C VAL C 97 16.72 19.00 -17.27
N PHE C 98 16.36 19.96 -16.43
CA PHE C 98 16.55 21.39 -16.75
C PHE C 98 16.84 22.17 -15.48
N ASP C 99 17.49 23.34 -15.65
CA ASP C 99 17.83 24.22 -14.53
C ASP C 99 16.54 24.75 -13.85
N GLY C 100 16.45 24.51 -12.55
CA GLY C 100 15.31 24.95 -11.76
C GLY C 100 14.11 24.03 -11.84
N LEU C 101 14.33 22.78 -12.34
CA LEU C 101 13.30 21.74 -12.47
C LEU C 101 12.43 21.59 -11.22
N PHE C 102 13.07 21.44 -10.05
CA PHE C 102 12.40 21.26 -8.76
C PHE C 102 11.55 22.46 -8.36
N GLU C 103 12.09 23.68 -8.54
CA GLU C 103 11.42 24.96 -8.23
C GLU C 103 10.19 25.11 -9.10
N PHE C 104 10.31 24.73 -10.40
CA PHE C 104 9.19 24.72 -11.35
C PHE C 104 8.05 23.82 -10.81
N CYS C 105 8.40 22.60 -10.30
CA CYS C 105 7.47 21.63 -9.69
C CYS C 105 6.84 22.20 -8.43
N GLN C 106 7.63 22.93 -7.61
CA GLN C 106 7.17 23.58 -6.38
C GLN C 106 6.13 24.67 -6.65
N LEU C 107 6.36 25.53 -7.66
CA LEU C 107 5.43 26.62 -8.00
C LEU C 107 4.14 26.09 -8.67
N SER C 108 4.29 25.11 -9.58
CA SER C 108 3.18 24.44 -10.25
C SER C 108 2.27 23.76 -9.20
N THR C 109 2.87 22.97 -8.26
CA THR C 109 2.16 22.29 -7.17
C THR C 109 1.56 23.27 -6.14
N GLY C 110 2.35 24.28 -5.77
CA GLY C 110 1.98 25.32 -4.83
C GLY C 110 0.67 25.99 -5.11
N GLY C 111 0.45 26.38 -6.37
CA GLY C 111 -0.78 27.04 -6.78
C GLY C 111 -2.00 26.14 -6.68
N SER C 112 -1.84 24.83 -6.98
CA SER C 112 -2.93 23.85 -6.93
C SER C 112 -3.37 23.56 -5.52
N VAL C 113 -2.39 23.29 -4.62
CA VAL C 113 -2.64 23.01 -3.19
C VAL C 113 -3.21 24.28 -2.51
N ALA C 114 -2.66 25.46 -2.82
CA ALA C 114 -3.14 26.74 -2.25
C ALA C 114 -4.60 27.03 -2.67
N GLY C 115 -4.93 26.70 -3.93
CA GLY C 115 -6.29 26.82 -4.48
C GLY C 115 -7.26 25.93 -3.72
N ALA C 116 -6.84 24.68 -3.47
CA ALA C 116 -7.58 23.66 -2.71
C ALA C 116 -7.82 24.13 -1.28
N VAL C 117 -6.77 24.68 -0.61
CA VAL C 117 -6.84 25.24 0.74
C VAL C 117 -7.88 26.37 0.81
N LYS C 118 -7.86 27.26 -0.22
CA LYS C 118 -8.78 28.41 -0.28
C LYS C 118 -10.24 27.99 -0.43
N LEU C 119 -10.47 26.91 -1.23
CA LEU C 119 -11.79 26.33 -1.48
C LEU C 119 -12.29 25.65 -0.22
N ASN C 120 -11.38 24.89 0.46
CA ASN C 120 -11.64 24.20 1.71
C ASN C 120 -12.03 25.19 2.80
N ARG C 121 -11.34 26.35 2.87
CA ARG C 121 -11.62 27.40 3.86
C ARG C 121 -12.88 28.22 3.52
N GLN C 122 -13.52 27.97 2.34
CA GLN C 122 -14.72 28.67 1.84
C GLN C 122 -14.44 30.17 1.68
N GLN C 123 -13.19 30.48 1.30
CA GLN C 123 -12.74 31.85 1.12
C GLN C 123 -12.82 32.24 -0.36
N THR C 124 -13.21 31.27 -1.22
CA THR C 124 -13.43 31.43 -2.66
C THR C 124 -14.44 30.42 -3.17
N ASP C 125 -14.97 30.66 -4.38
CA ASP C 125 -15.90 29.76 -5.07
C ASP C 125 -15.16 29.01 -6.18
N MET C 126 -14.15 29.67 -6.78
CA MET C 126 -13.29 29.14 -7.82
C MET C 126 -11.86 29.52 -7.58
N ALA C 127 -10.95 28.60 -7.86
CA ALA C 127 -9.52 28.84 -7.76
C ALA C 127 -8.89 28.44 -9.09
N VAL C 128 -7.97 29.28 -9.60
CA VAL C 128 -7.32 29.05 -10.89
C VAL C 128 -5.80 28.94 -10.76
N ASN C 129 -5.22 27.88 -11.34
CA ASN C 129 -3.77 27.68 -11.42
C ASN C 129 -3.43 27.16 -12.84
N TRP C 130 -3.15 28.09 -13.80
CA TRP C 130 -2.82 27.72 -15.18
C TRP C 130 -1.47 26.96 -15.28
N ALA C 131 -0.59 27.07 -14.25
CA ALA C 131 0.71 26.38 -14.16
C ALA C 131 0.57 24.92 -13.68
N GLY C 132 -0.63 24.56 -13.22
CA GLY C 132 -0.92 23.21 -12.75
C GLY C 132 -1.52 22.33 -13.83
N GLY C 133 -2.11 21.21 -13.42
CA GLY C 133 -2.75 20.25 -14.31
C GLY C 133 -1.82 19.23 -14.94
N LEU C 134 -0.74 18.87 -14.24
CA LEU C 134 0.25 17.97 -14.78
C LEU C 134 -0.10 16.51 -14.40
N HIS C 135 -1.22 16.05 -15.03
CA HIS C 135 -1.99 14.81 -14.87
C HIS C 135 -1.23 13.49 -15.14
N HIS C 136 -0.02 13.50 -15.72
CA HIS C 136 0.66 12.25 -16.06
C HIS C 136 1.62 11.71 -15.01
N ALA C 137 2.15 12.58 -14.12
CA ALA C 137 3.12 12.18 -13.10
C ALA C 137 2.60 11.06 -12.17
N LYS C 138 3.47 10.08 -11.91
CA LYS C 138 3.17 8.92 -11.05
C LYS C 138 3.97 8.99 -9.74
N LYS C 139 3.66 8.10 -8.79
CA LYS C 139 4.32 7.99 -7.50
C LYS C 139 5.87 8.11 -7.58
N SER C 140 6.49 7.34 -8.48
CA SER C 140 7.96 7.38 -8.59
C SER C 140 8.39 7.47 -10.04
N GLU C 141 7.65 8.22 -10.84
CA GLU C 141 7.93 8.31 -12.26
C GLU C 141 7.40 9.61 -12.88
N ALA C 142 8.27 10.25 -13.67
CA ALA C 142 7.92 11.41 -14.48
C ALA C 142 7.36 10.81 -15.76
N SER C 143 6.41 11.52 -16.41
CA SER C 143 5.78 11.07 -17.63
C SER C 143 5.14 12.26 -18.37
N GLY C 144 5.32 12.28 -19.69
CA GLY C 144 4.72 13.26 -20.60
C GLY C 144 4.77 14.69 -20.13
N PHE C 145 6.00 15.19 -19.82
CA PHE C 145 6.35 16.56 -19.41
C PHE C 145 5.92 16.91 -17.98
N CYS C 146 5.40 15.91 -17.23
CA CYS C 146 4.96 16.06 -15.83
C CYS C 146 5.94 15.34 -14.89
N TYR C 147 6.32 15.99 -13.78
CA TYR C 147 7.23 15.40 -12.78
C TYR C 147 6.51 15.21 -11.45
N VAL C 148 5.84 16.26 -10.95
CA VAL C 148 5.06 16.20 -9.71
C VAL C 148 3.57 16.34 -10.06
N ASN C 149 2.74 15.42 -9.53
CA ASN C 149 1.30 15.43 -9.81
C ASN C 149 0.60 16.37 -8.83
N ASP C 150 0.51 17.64 -9.24
CA ASP C 150 -0.13 18.71 -8.45
C ASP C 150 -1.62 18.47 -8.22
N ILE C 151 -2.27 17.78 -9.18
CA ILE C 151 -3.70 17.49 -9.18
C ILE C 151 -3.99 16.54 -8.07
N VAL C 152 -3.24 15.42 -8.00
CA VAL C 152 -3.39 14.43 -6.93
C VAL C 152 -3.20 15.10 -5.57
N LEU C 153 -2.10 15.87 -5.42
CA LEU C 153 -1.81 16.59 -4.18
C LEU C 153 -2.93 17.57 -3.78
N ALA C 154 -3.51 18.34 -4.75
CA ALA C 154 -4.63 19.28 -4.51
C ALA C 154 -5.91 18.51 -4.18
N ILE C 155 -6.14 17.36 -4.85
CA ILE C 155 -7.32 16.52 -4.57
C ILE C 155 -7.24 15.93 -3.15
N LEU C 156 -6.03 15.48 -2.73
CA LEU C 156 -5.81 14.97 -1.38
C LEU C 156 -6.14 16.06 -0.33
N GLU C 157 -5.85 17.33 -0.65
CA GLU C 157 -6.16 18.47 0.24
C GLU C 157 -7.68 18.68 0.31
N LEU C 158 -8.38 18.62 -0.84
CA LEU C 158 -9.85 18.74 -0.91
C LEU C 158 -10.56 17.65 -0.13
N LEU C 159 -9.97 16.42 -0.10
CA LEU C 159 -10.53 15.26 0.60
C LEU C 159 -10.56 15.43 2.14
N LYS C 160 -9.80 16.42 2.67
CA LYS C 160 -9.84 16.73 4.09
C LYS C 160 -11.22 17.27 4.50
N TYR C 161 -11.90 17.98 3.57
CA TYR C 161 -13.19 18.63 3.81
C TYR C 161 -14.34 18.10 2.96
N HIS C 162 -14.04 17.51 1.80
CA HIS C 162 -15.04 16.98 0.85
C HIS C 162 -15.01 15.47 0.78
N GLN C 163 -16.17 14.85 1.05
CA GLN C 163 -16.35 13.39 1.03
C GLN C 163 -16.15 12.84 -0.40
N ARG C 164 -16.68 13.54 -1.41
CA ARG C 164 -16.61 13.17 -2.82
C ARG C 164 -16.10 14.32 -3.68
N VAL C 165 -14.99 14.09 -4.40
CA VAL C 165 -14.38 15.07 -5.30
C VAL C 165 -14.49 14.53 -6.74
N LEU C 166 -14.94 15.39 -7.68
CA LEU C 166 -15.00 15.00 -9.08
C LEU C 166 -13.84 15.62 -9.85
N TYR C 167 -13.13 14.79 -10.62
CA TYR C 167 -12.03 15.22 -11.47
C TYR C 167 -12.44 15.11 -12.93
N ILE C 168 -12.35 16.22 -13.69
CA ILE C 168 -12.67 16.24 -15.12
C ILE C 168 -11.41 16.67 -15.89
N ASP C 169 -11.07 15.91 -16.95
CA ASP C 169 -9.88 16.14 -17.74
C ASP C 169 -10.24 16.32 -19.25
N ILE C 170 -10.17 17.57 -19.75
CA ILE C 170 -10.51 17.85 -21.16
C ILE C 170 -9.24 18.04 -22.03
N ASP C 171 -8.05 17.69 -21.48
CA ASP C 171 -6.77 17.66 -22.20
C ASP C 171 -6.94 16.57 -23.31
N ILE C 172 -6.19 16.67 -24.44
CA ILE C 172 -6.34 15.64 -25.47
C ILE C 172 -5.79 14.25 -25.03
N HIS C 173 -4.94 14.24 -23.99
CA HIS C 173 -4.36 12.98 -23.49
C HIS C 173 -5.09 12.50 -22.23
N HIS C 174 -5.04 11.18 -22.00
CA HIS C 174 -5.67 10.53 -20.84
C HIS C 174 -4.93 10.96 -19.58
N GLY C 175 -5.69 11.39 -18.57
CA GLY C 175 -5.12 11.77 -17.29
C GLY C 175 -4.88 10.55 -16.45
N ASP C 176 -3.89 9.72 -16.89
CA ASP C 176 -3.52 8.44 -16.30
C ASP C 176 -2.98 8.57 -14.87
N GLY C 177 -2.19 9.59 -14.60
CA GLY C 177 -1.66 9.83 -13.25
C GLY C 177 -2.74 10.02 -12.19
N VAL C 178 -3.75 10.83 -12.47
CA VAL C 178 -4.86 11.10 -11.54
C VAL C 178 -5.72 9.84 -11.42
N GLU C 179 -6.09 9.24 -12.57
CA GLU C 179 -6.88 8.02 -12.60
C GLU C 179 -6.22 6.92 -11.77
N GLU C 180 -4.88 6.74 -11.91
CA GLU C 180 -4.11 5.71 -11.18
C GLU C 180 -4.14 5.96 -9.67
N ALA C 181 -3.95 7.21 -9.25
CA ALA C 181 -3.94 7.53 -7.84
C ALA C 181 -5.27 7.21 -7.13
N PHE C 182 -6.42 7.40 -7.82
CA PHE C 182 -7.75 7.24 -7.24
C PHE C 182 -8.59 6.12 -7.83
N TYR C 183 -7.92 5.19 -8.53
CA TYR C 183 -8.53 4.05 -9.17
C TYR C 183 -9.36 3.15 -8.24
N THR C 184 -8.93 2.98 -6.97
CA THR C 184 -9.57 2.06 -6.03
C THR C 184 -10.40 2.77 -4.96
N THR C 185 -10.72 4.04 -5.17
CA THR C 185 -11.56 4.77 -4.25
C THR C 185 -12.78 5.38 -4.94
N ASP C 186 -13.89 5.42 -4.19
CA ASP C 186 -15.14 6.04 -4.59
C ASP C 186 -15.20 7.50 -4.08
N ARG C 187 -14.17 7.95 -3.36
CA ARG C 187 -14.10 9.30 -2.82
C ARG C 187 -13.62 10.32 -3.87
N VAL C 188 -13.11 9.79 -5.02
CA VAL C 188 -12.72 10.56 -6.19
C VAL C 188 -13.21 9.82 -7.45
N MET C 189 -14.00 10.52 -8.27
CA MET C 189 -14.42 10.02 -9.57
C MET C 189 -13.60 10.80 -10.59
N THR C 190 -12.90 10.08 -11.46
CA THR C 190 -12.06 10.66 -12.53
C THR C 190 -12.79 10.47 -13.86
N VAL C 191 -12.98 11.58 -14.60
CA VAL C 191 -13.65 11.57 -15.90
C VAL C 191 -12.69 12.16 -16.92
N SER C 192 -12.28 11.34 -17.91
CA SER C 192 -11.33 11.81 -18.92
C SER C 192 -11.86 11.57 -20.34
N PHE C 193 -11.78 12.63 -21.17
CA PHE C 193 -12.12 12.65 -22.59
C PHE C 193 -10.76 12.84 -23.27
N HIS C 194 -10.41 11.92 -24.16
CA HIS C 194 -9.08 11.95 -24.77
C HIS C 194 -9.02 11.15 -26.05
N LYS C 195 -7.95 11.39 -26.85
CA LYS C 195 -7.69 10.62 -28.05
C LYS C 195 -7.13 9.26 -27.60
N TYR C 196 -7.68 8.16 -28.14
CA TYR C 196 -7.27 6.81 -27.79
C TYR C 196 -7.01 6.01 -29.06
N GLY C 197 -5.96 5.19 -29.02
CA GLY C 197 -5.52 4.36 -30.13
C GLY C 197 -4.24 4.88 -30.78
N GLU C 198 -3.10 4.20 -30.54
CA GLU C 198 -1.78 4.55 -31.07
C GLU C 198 -1.46 6.02 -30.71
N TYR C 199 -1.67 6.36 -29.43
CA TYR C 199 -1.51 7.71 -28.92
C TYR C 199 -1.19 7.67 -27.44
N PHE C 200 -0.28 8.56 -27.03
CA PHE C 200 0.20 8.73 -25.65
C PHE C 200 -0.96 9.05 -24.68
N PRO C 201 -1.00 8.50 -23.44
CA PRO C 201 -0.08 7.51 -22.85
C PRO C 201 -0.38 6.05 -23.18
N GLY C 202 -1.44 5.77 -23.95
CA GLY C 202 -1.85 4.42 -24.35
C GLY C 202 -2.84 3.77 -23.40
N THR C 203 -3.31 4.53 -22.40
CA THR C 203 -4.25 4.11 -21.36
C THR C 203 -5.57 4.83 -21.58
N GLY C 204 -6.55 4.56 -20.71
CA GLY C 204 -7.84 5.23 -20.82
C GLY C 204 -8.81 4.53 -21.74
N ASP C 205 -8.82 3.19 -21.71
CA ASP C 205 -9.75 2.39 -22.50
C ASP C 205 -11.14 2.55 -21.86
N LEU C 206 -12.20 2.44 -22.68
CA LEU C 206 -13.59 2.49 -22.24
C LEU C 206 -13.85 1.49 -21.07
N ARG C 207 -13.18 0.32 -21.11
CA ARG C 207 -13.33 -0.75 -20.13
C ARG C 207 -12.53 -0.53 -18.82
N ASP C 208 -11.70 0.52 -18.75
CA ASP C 208 -10.97 0.90 -17.54
C ASP C 208 -11.96 1.72 -16.71
N ILE C 209 -12.61 1.05 -15.75
CA ILE C 209 -13.70 1.66 -14.96
C ILE C 209 -13.43 1.75 -13.44
N GLY C 210 -12.19 1.48 -13.01
CA GLY C 210 -11.84 1.48 -11.59
C GLY C 210 -11.82 0.07 -11.03
N ALA C 211 -11.40 -0.08 -9.75
CA ALA C 211 -11.36 -1.40 -9.09
C ALA C 211 -11.72 -1.28 -7.61
N GLY C 212 -12.26 -2.36 -7.02
CA GLY C 212 -12.67 -2.40 -5.61
C GLY C 212 -13.77 -1.39 -5.31
N LYS C 213 -13.65 -0.59 -4.22
CA LYS C 213 -14.63 0.48 -3.91
C LYS C 213 -14.77 1.51 -5.08
N GLY C 214 -13.67 1.74 -5.81
CA GLY C 214 -13.63 2.62 -6.98
C GLY C 214 -14.19 2.06 -8.28
N LYS C 215 -14.65 0.80 -8.28
CA LYS C 215 -15.25 0.23 -9.50
C LYS C 215 -16.48 1.07 -9.85
N TYR C 216 -16.49 1.59 -11.11
CA TYR C 216 -17.46 2.51 -11.73
C TYR C 216 -17.19 3.99 -11.38
N TYR C 217 -16.05 4.29 -10.75
CA TYR C 217 -15.70 5.67 -10.38
C TYR C 217 -14.56 6.22 -11.25
N ALA C 218 -14.18 5.47 -12.31
CA ALA C 218 -13.25 5.91 -13.33
C ALA C 218 -14.05 5.85 -14.66
N VAL C 219 -14.18 7.02 -15.32
CA VAL C 219 -14.95 7.20 -16.55
C VAL C 219 -14.00 7.65 -17.64
N ASN C 220 -13.95 6.88 -18.74
CA ASN C 220 -13.10 7.18 -19.88
C ASN C 220 -13.89 7.29 -21.16
N PHE C 221 -13.74 8.42 -21.89
CA PHE C 221 -14.38 8.60 -23.20
C PHE C 221 -13.27 8.62 -24.26
N PRO C 222 -12.95 7.42 -24.84
CA PRO C 222 -11.91 7.38 -25.89
C PRO C 222 -12.43 7.98 -27.20
N MET C 223 -11.61 8.83 -27.86
CA MET C 223 -11.98 9.50 -29.11
C MET C 223 -10.94 9.32 -30.22
N ARG C 224 -11.37 9.56 -31.45
CA ARG C 224 -10.59 9.57 -32.69
C ARG C 224 -10.30 11.03 -33.11
N ASP C 225 -9.45 11.20 -34.14
CA ASP C 225 -9.01 12.49 -34.69
C ASP C 225 -10.16 13.35 -35.16
N GLY C 226 -9.96 14.66 -35.08
CA GLY C 226 -10.83 15.69 -35.63
C GLY C 226 -12.18 15.96 -35.00
N ILE C 227 -12.40 15.57 -33.74
CA ILE C 227 -13.66 15.90 -33.10
C ILE C 227 -13.80 17.45 -33.05
N ASP C 228 -14.97 17.94 -33.42
CA ASP C 228 -15.30 19.37 -33.47
C ASP C 228 -16.11 19.81 -32.24
N ASP C 229 -16.44 21.13 -32.13
CA ASP C 229 -17.19 21.72 -31.02
C ASP C 229 -18.56 21.08 -30.81
N GLU C 230 -19.28 20.83 -31.89
CA GLU C 230 -20.63 20.27 -31.92
C GLU C 230 -20.66 18.84 -31.39
N SER C 231 -19.76 17.97 -31.89
CA SER C 231 -19.67 16.57 -31.43
C SER C 231 -19.23 16.49 -29.99
N TYR C 232 -18.24 17.30 -29.60
CA TYR C 232 -17.73 17.31 -28.22
C TYR C 232 -18.80 17.78 -27.21
N GLY C 233 -19.47 18.90 -27.50
CA GLY C 233 -20.53 19.45 -26.66
C GLY C 233 -21.73 18.54 -26.49
N GLN C 234 -22.08 17.76 -27.53
CA GLN C 234 -23.20 16.82 -27.52
C GLN C 234 -22.93 15.61 -26.65
N ILE C 235 -21.67 15.34 -26.29
CA ILE C 235 -21.40 14.22 -25.41
C ILE C 235 -20.96 14.73 -24.02
N PHE C 236 -20.29 15.90 -23.94
CA PHE C 236 -19.78 16.47 -22.69
C PHE C 236 -20.88 16.82 -21.69
N LYS C 237 -21.85 17.67 -22.09
CA LYS C 237 -22.96 18.09 -21.23
C LYS C 237 -23.78 16.88 -20.73
N PRO C 238 -24.23 15.89 -21.57
CA PRO C 238 -24.96 14.72 -21.00
C PRO C 238 -24.15 13.87 -20.03
N ILE C 239 -22.85 13.57 -20.33
CA ILE C 239 -21.97 12.77 -19.46
C ILE C 239 -21.78 13.46 -18.09
N ILE C 240 -21.40 14.76 -18.08
CA ILE C 240 -21.16 15.52 -16.83
C ILE C 240 -22.44 15.65 -16.01
N SER C 241 -23.59 15.90 -16.68
CA SER C 241 -24.88 16.00 -15.99
C SER C 241 -25.24 14.68 -15.29
N LYS C 242 -25.03 13.53 -15.98
CA LYS C 242 -25.31 12.21 -15.42
C LYS C 242 -24.35 11.91 -14.27
N VAL C 243 -23.07 12.31 -14.41
CA VAL C 243 -22.04 12.15 -13.37
C VAL C 243 -22.45 12.97 -12.13
N MET C 244 -22.89 14.23 -12.34
CA MET C 244 -23.31 15.11 -11.26
C MET C 244 -24.52 14.56 -10.51
N GLU C 245 -25.50 14.00 -11.25
CA GLU C 245 -26.74 13.43 -10.73
C GLU C 245 -26.44 12.17 -9.92
N MET C 246 -25.58 11.28 -10.46
CA MET C 246 -25.26 10.00 -9.84
C MET C 246 -24.24 10.07 -8.73
N TYR C 247 -23.19 10.85 -8.93
CA TYR C 247 -22.08 10.95 -8.00
C TYR C 247 -22.25 12.03 -6.94
N GLN C 248 -22.95 13.14 -7.28
CA GLN C 248 -23.22 14.28 -6.38
C GLN C 248 -21.97 14.73 -5.60
N PRO C 249 -20.89 15.15 -6.31
CA PRO C 249 -19.67 15.57 -5.59
C PRO C 249 -19.86 16.89 -4.86
N SER C 250 -18.99 17.20 -3.88
CA SER C 250 -19.07 18.49 -3.19
C SER C 250 -17.99 19.48 -3.66
N ALA C 251 -17.07 19.02 -4.52
CA ALA C 251 -16.00 19.84 -5.10
C ALA C 251 -15.58 19.27 -6.44
N VAL C 252 -15.13 20.13 -7.37
CA VAL C 252 -14.73 19.73 -8.73
C VAL C 252 -13.34 20.26 -9.08
N VAL C 253 -12.56 19.43 -9.76
CA VAL C 253 -11.24 19.79 -10.29
C VAL C 253 -11.36 19.60 -11.81
N LEU C 254 -11.22 20.70 -12.56
CA LEU C 254 -11.28 20.70 -14.02
C LEU C 254 -9.90 21.01 -14.61
N GLN C 255 -9.32 20.02 -15.29
CA GLN C 255 -8.01 20.12 -15.95
C GLN C 255 -8.35 20.57 -17.37
N CYS C 256 -7.90 21.79 -17.73
CA CYS C 256 -8.23 22.44 -19.00
C CYS C 256 -7.12 22.42 -20.05
N GLY C 257 -6.41 21.28 -20.20
CA GLY C 257 -5.36 21.11 -21.20
C GLY C 257 -5.83 21.60 -22.55
N ALA C 258 -5.15 22.63 -23.10
CA ALA C 258 -5.50 23.30 -24.35
C ALA C 258 -4.95 22.60 -25.61
N ASP C 259 -4.39 21.40 -25.46
CA ASP C 259 -3.89 20.60 -26.60
C ASP C 259 -5.05 19.86 -27.35
N SER C 260 -6.28 20.04 -26.86
CA SER C 260 -7.50 19.52 -27.49
C SER C 260 -8.06 20.59 -28.48
N LEU C 261 -7.35 21.73 -28.64
CA LEU C 261 -7.75 22.78 -29.59
C LEU C 261 -7.25 22.44 -30.97
N SER C 262 -7.99 22.92 -31.98
CA SER C 262 -7.63 22.88 -33.41
C SER C 262 -6.29 23.62 -33.57
N GLY C 263 -5.40 23.03 -34.38
CA GLY C 263 -4.08 23.59 -34.66
C GLY C 263 -3.00 23.36 -33.61
N ASP C 264 -3.26 22.50 -32.60
CA ASP C 264 -2.24 22.22 -31.59
C ASP C 264 -1.09 21.43 -32.22
N ARG C 265 0.18 21.79 -31.88
CA ARG C 265 1.38 21.13 -32.39
C ARG C 265 1.37 19.60 -32.16
N LEU C 266 0.89 19.12 -31.00
CA LEU C 266 0.86 17.68 -30.67
C LEU C 266 -0.54 17.06 -30.72
N GLY C 267 -1.57 17.88 -30.76
CA GLY C 267 -2.97 17.44 -30.79
C GLY C 267 -3.55 17.17 -32.15
N CYS C 268 -4.60 16.33 -32.19
CA CYS C 268 -5.33 15.86 -33.38
C CYS C 268 -6.82 16.26 -33.33
N PHE C 269 -7.24 17.11 -32.40
CA PHE C 269 -8.64 17.51 -32.27
C PHE C 269 -8.91 18.79 -33.05
N ASN C 270 -10.18 19.20 -33.16
CA ASN C 270 -10.59 20.36 -33.94
C ASN C 270 -11.54 21.30 -33.17
N LEU C 271 -11.30 21.44 -31.87
CA LEU C 271 -12.09 22.33 -31.01
C LEU C 271 -11.63 23.77 -31.16
N THR C 272 -12.55 24.70 -30.98
CA THR C 272 -12.21 26.14 -30.97
C THR C 272 -12.12 26.53 -29.50
N VAL C 273 -11.71 27.79 -29.22
CA VAL C 273 -11.63 28.31 -27.83
C VAL C 273 -13.05 28.27 -27.20
N LYS C 274 -14.08 28.66 -27.97
CA LYS C 274 -15.50 28.63 -27.58
C LYS C 274 -15.98 27.22 -27.19
N GLY C 275 -15.62 26.22 -27.97
CA GLY C 275 -15.97 24.82 -27.73
C GLY C 275 -15.31 24.24 -26.50
N HIS C 276 -14.03 24.60 -26.27
CA HIS C 276 -13.24 24.20 -25.11
C HIS C 276 -13.84 24.85 -23.83
N ALA C 277 -14.10 26.17 -23.89
CA ALA C 277 -14.64 26.96 -22.78
C ALA C 277 -16.07 26.60 -22.38
N LYS C 278 -16.84 25.98 -23.29
CA LYS C 278 -18.21 25.53 -22.99
C LYS C 278 -18.15 24.48 -21.84
N CYS C 279 -17.04 23.73 -21.76
CA CYS C 279 -16.80 22.74 -20.71
C CYS C 279 -16.72 23.42 -19.32
N VAL C 280 -16.08 24.62 -19.26
CA VAL C 280 -15.98 25.46 -18.05
C VAL C 280 -17.40 25.95 -17.69
N GLU C 281 -18.15 26.46 -18.68
CA GLU C 281 -19.54 26.96 -18.55
C GLU C 281 -20.46 25.90 -17.99
N VAL C 282 -20.39 24.67 -18.53
CA VAL C 282 -21.16 23.49 -18.11
C VAL C 282 -20.86 23.15 -16.64
N VAL C 283 -19.56 23.08 -16.28
CA VAL C 283 -19.13 22.72 -14.91
C VAL C 283 -19.53 23.80 -13.88
N LYS C 284 -19.51 25.10 -14.30
CA LYS C 284 -19.89 26.24 -13.47
C LYS C 284 -21.39 26.24 -13.08
N THR C 285 -22.28 25.76 -13.98
CA THR C 285 -23.74 25.73 -13.75
C THR C 285 -24.15 24.89 -12.54
N PHE C 286 -23.27 23.96 -12.08
CA PHE C 286 -23.55 23.09 -10.94
C PHE C 286 -23.29 23.76 -9.59
N ASN C 287 -22.65 24.95 -9.57
CA ASN C 287 -22.38 25.79 -8.39
C ASN C 287 -21.63 25.06 -7.28
N LEU C 288 -20.56 24.35 -7.67
CA LEU C 288 -19.74 23.61 -6.71
C LEU C 288 -18.36 24.25 -6.63
N PRO C 289 -17.69 24.23 -5.44
CA PRO C 289 -16.30 24.75 -5.37
C PRO C 289 -15.49 24.14 -6.52
N LEU C 290 -14.83 24.99 -7.30
CA LEU C 290 -14.14 24.57 -8.50
C LEU C 290 -12.68 24.98 -8.58
N LEU C 291 -11.81 24.01 -8.88
CA LEU C 291 -10.38 24.26 -9.07
C LEU C 291 -10.14 24.05 -10.58
N MET C 292 -9.77 25.14 -11.28
CA MET C 292 -9.46 25.12 -12.71
C MET C 292 -7.94 25.06 -12.87
N LEU C 293 -7.46 24.08 -13.65
CA LEU C 293 -6.02 23.88 -13.84
C LEU C 293 -5.63 23.87 -15.30
N GLY C 294 -4.36 24.12 -15.56
CA GLY C 294 -3.79 24.07 -16.90
C GLY C 294 -3.59 22.64 -17.35
N GLY C 295 -2.47 22.38 -18.00
CA GLY C 295 -2.14 21.07 -18.56
C GLY C 295 -1.45 21.27 -19.89
N GLY C 296 -1.69 20.38 -20.85
CA GLY C 296 -1.12 20.44 -22.21
C GLY C 296 -1.55 21.68 -22.98
N GLY C 297 -0.89 21.94 -24.10
CA GLY C 297 -1.14 23.10 -24.95
C GLY C 297 0.20 23.54 -25.53
N TYR C 298 0.37 23.39 -26.88
CA TYR C 298 1.69 23.56 -27.49
C TYR C 298 1.71 24.58 -28.62
N THR C 299 0.54 25.12 -29.04
CA THR C 299 0.46 26.25 -29.99
C THR C 299 0.15 27.41 -29.00
N ILE C 300 1.21 27.98 -28.40
CA ILE C 300 1.17 28.87 -27.24
C ILE C 300 0.27 30.11 -27.43
N ARG C 301 0.13 30.67 -28.66
CA ARG C 301 -0.79 31.81 -28.90
C ARG C 301 -2.26 31.38 -28.60
N ASN C 302 -2.61 30.12 -28.95
CA ASN C 302 -3.94 29.54 -28.73
C ASN C 302 -4.17 29.10 -27.28
N VAL C 303 -3.09 28.73 -26.56
CA VAL C 303 -3.11 28.40 -25.14
C VAL C 303 -3.45 29.71 -24.37
N ALA C 304 -2.70 30.78 -24.66
CA ALA C 304 -2.93 32.10 -24.07
C ALA C 304 -4.37 32.63 -24.34
N ARG C 305 -4.94 32.40 -25.56
CA ARG C 305 -6.33 32.77 -25.92
C ARG C 305 -7.32 31.94 -25.12
N CYS C 306 -7.12 30.60 -25.12
CA CYS C 306 -7.93 29.62 -24.44
C CYS C 306 -8.07 29.90 -22.93
N TRP C 307 -6.96 29.98 -22.20
CA TRP C 307 -6.95 30.17 -20.76
C TRP C 307 -7.37 31.59 -20.34
N THR C 308 -7.17 32.61 -21.20
CA THR C 308 -7.67 33.98 -20.94
C THR C 308 -9.22 33.94 -20.99
N TYR C 309 -9.77 33.31 -22.03
CA TYR C 309 -11.21 33.21 -22.22
C TYR C 309 -11.89 32.39 -21.12
N GLU C 310 -11.23 31.32 -20.67
CA GLU C 310 -11.73 30.47 -19.59
C GLU C 310 -11.72 31.20 -18.23
N THR C 311 -10.73 32.08 -18.00
CA THR C 311 -10.69 32.92 -16.80
C THR C 311 -11.88 33.90 -16.85
N ALA C 312 -12.12 34.51 -18.05
CA ALA C 312 -13.22 35.45 -18.31
C ALA C 312 -14.57 34.75 -18.08
N VAL C 313 -14.71 33.49 -18.55
CA VAL C 313 -15.89 32.64 -18.36
C VAL C 313 -16.09 32.36 -16.83
N ALA C 314 -15.00 32.03 -16.08
CA ALA C 314 -15.05 31.85 -14.62
C ALA C 314 -15.60 33.11 -13.92
N LEU C 315 -15.18 34.29 -14.40
CA LEU C 315 -15.62 35.59 -13.86
C LEU C 315 -16.97 36.08 -14.40
N ASP C 316 -17.63 35.30 -15.30
CA ASP C 316 -18.91 35.64 -15.96
C ASP C 316 -18.77 36.97 -16.71
N CYS C 317 -17.60 37.19 -17.33
CA CYS C 317 -17.25 38.41 -18.05
C CYS C 317 -17.07 38.09 -19.53
N GLU C 318 -17.88 38.73 -20.40
CA GLU C 318 -17.78 38.61 -21.85
C GLU C 318 -16.68 39.60 -22.25
N ILE C 319 -15.58 39.11 -22.82
CA ILE C 319 -14.48 39.98 -23.24
C ILE C 319 -14.50 40.18 -24.78
N PRO C 320 -14.18 41.37 -25.34
CA PRO C 320 -14.25 41.52 -26.81
C PRO C 320 -13.31 40.61 -27.59
N ASN C 321 -13.66 40.30 -28.84
CA ASN C 321 -12.88 39.44 -29.73
C ASN C 321 -11.59 40.15 -30.15
N GLU C 322 -11.65 41.47 -30.27
CA GLU C 322 -10.49 42.31 -30.63
C GLU C 322 -9.56 42.32 -29.43
N LEU C 323 -8.36 41.75 -29.60
CA LEU C 323 -7.36 41.64 -28.53
C LEU C 323 -6.83 43.00 -28.09
N PRO C 324 -6.65 43.21 -26.77
CA PRO C 324 -6.02 44.46 -26.31
C PRO C 324 -4.52 44.37 -26.56
N TYR C 325 -3.85 45.52 -26.55
CA TYR C 325 -2.41 45.50 -26.70
C TYR C 325 -1.82 44.78 -25.48
N ASN C 326 -0.74 44.02 -25.69
CA ASN C 326 -0.07 43.28 -24.63
C ASN C 326 1.41 43.07 -25.01
N ASP C 327 2.23 42.54 -24.09
CA ASP C 327 3.67 42.32 -24.32
C ASP C 327 4.00 41.25 -25.36
N TYR C 328 2.99 40.45 -25.79
CA TYR C 328 3.15 39.35 -26.74
C TYR C 328 2.20 39.51 -27.92
N PHE C 329 1.78 40.76 -28.21
CA PHE C 329 0.84 41.15 -29.26
C PHE C 329 1.15 40.52 -30.63
N GLU C 330 2.43 40.51 -31.05
CA GLU C 330 2.90 39.93 -32.33
C GLU C 330 2.65 38.41 -32.46
N TYR C 331 2.54 37.68 -31.33
CA TYR C 331 2.28 36.23 -31.31
C TYR C 331 0.87 35.92 -31.83
N PHE C 332 -0.05 36.89 -31.71
CA PHE C 332 -1.46 36.72 -32.07
C PHE C 332 -1.82 37.17 -33.50
N GLY C 333 -0.79 37.40 -34.33
CA GLY C 333 -0.97 37.71 -35.74
C GLY C 333 -1.45 36.47 -36.48
N PRO C 334 -2.00 36.61 -37.71
CA PRO C 334 -2.20 37.86 -38.49
C PRO C 334 -3.50 38.58 -38.17
N ASP C 335 -4.41 37.93 -37.43
CA ASP C 335 -5.75 38.40 -37.11
C ASP C 335 -5.86 39.28 -35.86
N PHE C 336 -5.11 38.95 -34.79
CA PHE C 336 -5.13 39.66 -33.49
C PHE C 336 -6.50 39.59 -32.83
N LYS C 337 -7.17 38.43 -32.97
CA LYS C 337 -8.48 38.13 -32.38
C LYS C 337 -8.31 37.11 -31.26
N LEU C 338 -9.25 37.09 -30.32
CA LEU C 338 -9.23 36.15 -29.23
C LEU C 338 -9.70 34.76 -29.67
N HIS C 339 -10.75 34.71 -30.51
CA HIS C 339 -11.30 33.43 -30.93
C HIS C 339 -10.61 32.89 -32.16
N ILE C 340 -10.61 31.55 -32.29
CA ILE C 340 -9.99 30.80 -33.37
C ILE C 340 -11.02 30.09 -34.24
N SER C 341 -10.59 29.71 -35.45
CA SER C 341 -11.41 29.02 -36.43
C SER C 341 -10.98 27.55 -36.54
N PRO C 342 -11.93 26.61 -36.74
CA PRO C 342 -11.53 25.20 -36.87
C PRO C 342 -10.89 24.94 -38.24
N SER C 343 -10.15 23.82 -38.37
CA SER C 343 -9.54 23.46 -39.65
C SER C 343 -10.52 22.60 -40.49
N ASN C 344 -10.11 22.24 -41.72
CA ASN C 344 -10.88 21.44 -42.67
C ASN C 344 -10.77 19.93 -42.41
N MET C 345 -10.05 19.52 -41.34
CA MET C 345 -9.81 18.13 -40.99
C MET C 345 -11.09 17.32 -40.76
N THR C 346 -11.05 16.06 -41.22
CA THR C 346 -12.16 15.12 -41.09
C THR C 346 -12.30 14.70 -39.63
N ASN C 347 -13.55 14.68 -39.15
CA ASN C 347 -13.91 14.20 -37.83
C ASN C 347 -14.08 12.69 -37.99
N GLN C 348 -13.13 11.91 -37.46
CA GLN C 348 -13.12 10.44 -37.55
C GLN C 348 -14.09 9.78 -36.57
N ASN C 349 -14.69 10.57 -35.65
CA ASN C 349 -15.66 10.08 -34.68
C ASN C 349 -17.01 10.13 -35.30
N THR C 350 -17.46 8.96 -35.77
CA THR C 350 -18.74 8.72 -36.45
C THR C 350 -19.87 8.81 -35.41
N PRO C 351 -21.09 9.20 -35.83
CA PRO C 351 -22.22 9.27 -34.88
C PRO C 351 -22.51 7.98 -34.12
N GLU C 352 -22.37 6.81 -34.81
CA GLU C 352 -22.60 5.45 -34.27
C GLU C 352 -21.61 5.17 -33.16
N TYR C 353 -20.34 5.46 -33.43
CA TYR C 353 -19.22 5.30 -32.50
C TYR C 353 -19.49 6.09 -31.23
N MET C 354 -19.75 7.40 -31.39
CA MET C 354 -19.95 8.30 -30.26
C MET C 354 -21.12 7.89 -29.38
N GLU C 355 -22.25 7.58 -30.00
CA GLU C 355 -23.45 7.20 -29.26
C GLU C 355 -23.27 5.89 -28.50
N LYS C 356 -22.53 4.92 -29.11
CA LYS C 356 -22.17 3.61 -28.55
C LYS C 356 -21.33 3.76 -27.28
N ILE C 357 -20.33 4.69 -27.31
CA ILE C 357 -19.49 4.99 -26.16
C ILE C 357 -20.38 5.65 -25.09
N LYS C 358 -21.08 6.78 -25.42
CA LYS C 358 -21.95 7.52 -24.48
C LYS C 358 -22.95 6.61 -23.76
N GLN C 359 -23.53 5.64 -24.47
CA GLN C 359 -24.48 4.69 -23.91
C GLN C 359 -23.83 3.69 -22.98
N ARG C 360 -22.58 3.26 -23.25
CA ARG C 360 -21.86 2.33 -22.36
C ARG C 360 -21.49 3.07 -21.08
N LEU C 361 -21.11 4.34 -21.21
CA LEU C 361 -20.78 5.15 -20.03
C LEU C 361 -22.01 5.35 -19.15
N PHE C 362 -23.17 5.56 -19.77
CA PHE C 362 -24.46 5.73 -19.10
C PHE C 362 -24.85 4.46 -18.34
N GLU C 363 -24.59 3.27 -18.93
CA GLU C 363 -24.84 1.97 -18.29
C GLU C 363 -23.95 1.82 -17.04
N ASN C 364 -22.68 2.24 -17.13
CA ASN C 364 -21.71 2.22 -16.04
C ASN C 364 -22.10 3.19 -14.93
N LEU C 365 -22.65 4.37 -15.30
CA LEU C 365 -23.08 5.38 -14.33
C LEU C 365 -24.33 4.97 -13.55
N ARG C 366 -25.17 4.09 -14.13
CA ARG C 366 -26.37 3.54 -13.50
C ARG C 366 -25.99 2.53 -12.40
N MET C 367 -24.74 2.00 -12.46
CA MET C 367 -24.15 1.07 -11.50
C MET C 367 -23.88 1.75 -10.15
N LEU C 368 -23.70 3.09 -10.15
CA LEU C 368 -23.54 3.89 -8.94
C LEU C 368 -24.84 3.72 -8.12
N PRO C 369 -24.71 3.28 -6.85
CA PRO C 369 -25.94 2.98 -6.07
C PRO C 369 -26.84 4.19 -5.86
#